data_8VL8
#
_entry.id   8VL8
#
_cell.length_a   126.022
_cell.length_b   74.771
_cell.length_c   128.931
_cell.angle_alpha   90.000
_cell.angle_beta   116.140
_cell.angle_gamma   90.000
#
_symmetry.space_group_name_H-M   'C 1 2 1'
#
loop_
_entity.id
_entity.type
_entity.pdbx_description
1 polymer 'Methyl-accepting chemotaxis protein'
2 non-polymer 'SODIUM ION'
3 non-polymer SERINE
4 non-polymer 'CHLORIDE ION'
5 non-polymer 'POTASSIUM ION'
6 water water
#
_entity_poly.entity_id   1
_entity_poly.type   'polypeptide(L)'
_entity_poly.pdbx_seq_one_letter_code
;MENLYFQSLKNDKENFTVLQTIRQQQSALNATWVELLQTRNTLNRAGIRWMMDQSNIGSGATVAELMQGATNTLKLTEKN
WEQYEALPRDPRQSEAAFLEIKRTYDIYHGALAELIQLLGAGKINEFFDQPTQSYQDAFEKQYMAYMQQNDRLYDIAVED
NNS
;
_entity_poly.pdbx_strand_id   A,B,C,D,E
#
# COMPACT_ATOMS: atom_id res chain seq x y z
N VAL A 18 -5.87 -25.21 19.07
CA VAL A 18 -6.99 -25.20 19.98
C VAL A 18 -8.26 -24.63 19.36
N LEU A 19 -8.78 -23.53 19.92
CA LEU A 19 -9.93 -22.87 19.38
C LEU A 19 -9.37 -22.00 18.28
N GLN A 20 -8.07 -22.06 18.08
CA GLN A 20 -7.40 -21.27 17.09
C GLN A 20 -7.09 -22.09 15.89
N THR A 21 -7.04 -23.40 16.02
CA THR A 21 -6.87 -24.23 14.84
C THR A 21 -8.16 -24.22 14.04
N ILE A 22 -9.27 -24.06 14.72
CA ILE A 22 -10.54 -23.97 14.04
C ILE A 22 -10.83 -22.53 13.60
N ARG A 23 -10.47 -21.51 14.37
CA ARG A 23 -10.65 -20.14 13.91
C ARG A 23 -9.84 -19.92 12.66
N GLN A 24 -8.75 -20.65 12.53
CA GLN A 24 -7.87 -20.50 11.38
C GLN A 24 -8.39 -21.30 10.21
N GLN A 25 -9.00 -22.44 10.48
CA GLN A 25 -9.62 -23.23 9.43
C GLN A 25 -10.91 -22.56 8.96
N GLN A 26 -11.64 -21.91 9.87
CA GLN A 26 -12.78 -21.09 9.49
C GLN A 26 -12.37 -20.00 8.52
N SER A 27 -11.35 -19.21 8.89
CA SER A 27 -10.96 -18.06 8.09
C SER A 27 -10.49 -18.49 6.71
N ALA A 28 -9.82 -19.63 6.62
CA ALA A 28 -9.44 -20.12 5.31
C ALA A 28 -10.69 -20.38 4.48
N LEU A 29 -11.67 -21.07 5.07
CA LEU A 29 -12.86 -21.41 4.31
C LEU A 29 -13.58 -20.16 3.90
N ASN A 30 -13.63 -19.20 4.81
CA ASN A 30 -14.33 -17.96 4.52
C ASN A 30 -13.67 -17.11 3.42
N ALA A 31 -12.35 -17.19 3.25
CA ALA A 31 -11.75 -16.50 2.12
C ALA A 31 -12.05 -17.20 0.83
N THR A 32 -12.34 -18.49 0.88
CA THR A 32 -12.87 -19.16 -0.31
C THR A 32 -14.25 -18.62 -0.68
N TRP A 33 -15.17 -18.59 0.30
CA TRP A 33 -16.51 -18.05 0.10
C TRP A 33 -16.40 -16.70 -0.61
N VAL A 34 -15.68 -15.78 0.02
CA VAL A 34 -15.60 -14.40 -0.50
C VAL A 34 -15.09 -14.41 -1.92
N GLU A 35 -13.99 -15.12 -2.20
CA GLU A 35 -13.47 -15.09 -3.56
C GLU A 35 -14.43 -15.71 -4.56
N LEU A 36 -15.22 -16.68 -4.13
CA LEU A 36 -16.23 -17.20 -5.02
C LEU A 36 -17.27 -16.14 -5.33
N LEU A 37 -17.67 -15.41 -4.32
CA LEU A 37 -18.69 -14.39 -4.49
C LEU A 37 -18.15 -13.20 -5.29
N GLN A 38 -16.86 -12.90 -5.16
CA GLN A 38 -16.22 -11.90 -6.00
C GLN A 38 -16.06 -12.40 -7.42
N THR A 39 -15.59 -13.62 -7.61
CA THR A 39 -15.60 -14.15 -8.96
C THR A 39 -17.02 -14.02 -9.55
N ARG A 40 -18.04 -14.47 -8.82
CA ARG A 40 -19.37 -14.47 -9.44
C ARG A 40 -19.78 -13.06 -9.88
N ASN A 41 -19.50 -12.06 -9.06
CA ASN A 41 -19.99 -10.72 -9.39
C ASN A 41 -19.25 -10.13 -10.59
N THR A 42 -17.93 -10.23 -10.57
CA THR A 42 -17.13 -9.79 -11.70
C THR A 42 -17.60 -10.41 -12.99
N LEU A 43 -17.83 -11.72 -12.99
CA LEU A 43 -18.37 -12.37 -14.17
C LEU A 43 -19.68 -11.75 -14.59
N ASN A 44 -20.53 -11.40 -13.63
CA ASN A 44 -21.80 -10.82 -14.05
C ASN A 44 -21.59 -9.39 -14.55
N ARG A 45 -20.50 -8.73 -14.15
CA ARG A 45 -20.13 -7.48 -14.81
C ARG A 45 -19.72 -7.72 -16.25
N ALA A 46 -18.85 -8.70 -16.48
CA ALA A 46 -18.48 -8.97 -17.87
C ALA A 46 -19.73 -9.24 -18.71
N GLY A 47 -20.78 -9.76 -18.10
CA GLY A 47 -22.02 -9.97 -18.86
C GLY A 47 -22.66 -8.69 -19.36
N ILE A 48 -22.81 -7.70 -18.48
CA ILE A 48 -23.38 -6.41 -18.91
C ILE A 48 -22.57 -5.81 -20.06
N ARG A 49 -21.25 -5.69 -19.88
CA ARG A 49 -20.40 -5.10 -20.90
C ARG A 49 -20.51 -5.85 -22.20
N TRP A 50 -20.53 -7.19 -22.14
CA TRP A 50 -20.71 -7.97 -23.36
C TRP A 50 -21.97 -7.57 -24.07
N MET A 51 -23.08 -7.41 -23.32
CA MET A 51 -24.39 -7.09 -23.90
C MET A 51 -24.36 -5.68 -24.49
N MET A 52 -23.75 -4.76 -23.77
CA MET A 52 -23.58 -3.41 -24.29
C MET A 52 -22.79 -3.40 -25.58
N ASP A 53 -21.68 -4.12 -25.62
CA ASP A 53 -20.89 -4.11 -26.82
C ASP A 53 -21.73 -4.55 -28.02
N GLN A 54 -22.59 -5.55 -27.83
CA GLN A 54 -23.52 -5.94 -28.89
C GLN A 54 -24.41 -4.78 -29.34
N SER A 55 -24.78 -3.90 -28.43
CA SER A 55 -25.60 -2.76 -28.82
C SER A 55 -24.75 -1.51 -29.02
N ASN A 56 -23.43 -1.67 -29.08
CA ASN A 56 -22.47 -0.60 -29.27
C ASN A 56 -22.76 0.58 -28.36
N ILE A 57 -22.95 0.29 -27.08
CA ILE A 57 -23.09 1.34 -26.09
C ILE A 57 -22.10 1.07 -24.97
N GLY A 58 -21.06 0.31 -25.32
CA GLY A 58 -20.06 -0.05 -24.35
C GLY A 58 -19.37 1.15 -23.72
N SER A 59 -18.91 0.95 -22.49
CA SER A 59 -18.31 2.00 -21.69
C SER A 59 -17.72 1.34 -20.44
N GLY A 60 -16.82 2.07 -19.79
CA GLY A 60 -16.21 1.59 -18.57
C GLY A 60 -15.29 0.41 -18.80
N ALA A 61 -15.23 -0.45 -17.79
CA ALA A 61 -14.49 -1.70 -17.84
C ALA A 61 -14.89 -2.58 -19.04
N THR A 62 -13.88 -3.21 -19.64
CA THR A 62 -14.06 -4.07 -20.78
C THR A 62 -14.27 -5.55 -20.40
N VAL A 63 -14.91 -6.28 -21.34
CA VAL A 63 -15.13 -7.71 -21.19
C VAL A 63 -13.81 -8.40 -20.90
N ALA A 64 -12.78 -8.08 -21.71
CA ALA A 64 -11.48 -8.73 -21.54
C ALA A 64 -10.87 -8.41 -20.19
N GLU A 65 -11.02 -7.19 -19.69
CA GLU A 65 -10.41 -6.95 -18.40
C GLU A 65 -11.19 -7.65 -17.29
N LEU A 66 -12.53 -7.63 -17.39
CA LEU A 66 -13.36 -8.23 -16.34
C LEU A 66 -13.17 -9.74 -16.28
N MET A 67 -13.12 -10.38 -17.45
CA MET A 67 -12.75 -11.79 -17.53
C MET A 67 -11.37 -12.06 -16.93
N GLN A 68 -10.43 -11.13 -17.11
CA GLN A 68 -9.10 -11.34 -16.54
C GLN A 68 -9.16 -11.34 -15.03
N GLY A 69 -9.91 -10.41 -14.41
CA GLY A 69 -10.01 -10.41 -12.96
C GLY A 69 -10.70 -11.65 -12.41
N ALA A 70 -11.60 -12.23 -13.19
CA ALA A 70 -12.38 -13.39 -12.74
C ALA A 70 -11.61 -14.68 -12.94
N THR A 71 -10.80 -14.74 -14.01
CA THR A 71 -9.73 -15.74 -14.07
C THR A 71 -8.82 -15.59 -12.86
N ASN A 72 -8.41 -14.36 -12.57
CA ASN A 72 -7.61 -14.16 -11.37
C ASN A 72 -8.32 -14.70 -10.12
N THR A 73 -9.53 -14.23 -9.82
CA THR A 73 -10.11 -14.55 -8.52
C THR A 73 -10.60 -15.99 -8.45
N LEU A 74 -10.91 -16.61 -9.57
CA LEU A 74 -11.21 -18.02 -9.53
C LEU A 74 -9.97 -18.85 -9.22
N LYS A 75 -8.81 -18.44 -9.74
CA LYS A 75 -7.57 -19.11 -9.35
C LYS A 75 -7.28 -18.85 -7.87
N LEU A 76 -7.45 -17.61 -7.42
CA LEU A 76 -7.34 -17.32 -5.99
C LEU A 76 -8.28 -18.18 -5.18
N THR A 77 -9.50 -18.40 -5.72
CA THR A 77 -10.47 -19.26 -5.04
C THR A 77 -9.92 -20.68 -4.89
N GLU A 78 -9.48 -21.29 -5.97
CA GLU A 78 -8.88 -22.57 -5.84
C GLU A 78 -7.71 -22.59 -4.84
N LYS A 79 -6.99 -21.48 -4.70
CA LYS A 79 -5.83 -21.57 -3.82
C LYS A 79 -6.26 -21.35 -2.39
N ASN A 80 -7.28 -20.56 -2.18
CA ASN A 80 -7.80 -20.43 -0.83
C ASN A 80 -8.40 -21.75 -0.37
N TRP A 81 -9.10 -22.45 -1.27
CA TRP A 81 -9.67 -23.75 -0.93
C TRP A 81 -8.56 -24.71 -0.50
N GLU A 82 -7.57 -24.93 -1.40
CA GLU A 82 -6.52 -25.92 -1.14
C GLU A 82 -5.81 -25.67 0.18
N GLN A 83 -5.72 -24.42 0.58
CA GLN A 83 -5.15 -24.07 1.87
C GLN A 83 -6.10 -24.42 3.01
N TYR A 84 -7.42 -24.33 2.78
CA TYR A 84 -8.36 -24.69 3.84
C TYR A 84 -8.41 -26.21 4.04
N GLU A 85 -8.23 -26.97 2.96
CA GLU A 85 -8.17 -28.42 3.04
C GLU A 85 -6.94 -28.89 3.81
N ALA A 86 -5.78 -28.39 3.40
CA ALA A 86 -4.54 -28.78 4.03
C ALA A 86 -4.42 -28.35 5.46
N LEU A 87 -5.39 -27.62 5.96
CA LEU A 87 -5.34 -27.27 7.35
C LEU A 87 -5.76 -28.48 8.14
N PRO A 88 -5.36 -28.52 9.39
CA PRO A 88 -5.65 -29.70 10.19
C PRO A 88 -7.08 -29.70 10.70
N ARG A 89 -7.65 -30.87 10.96
CA ARG A 89 -9.00 -30.88 11.52
C ARG A 89 -9.00 -31.47 12.92
N ASP A 90 -9.80 -30.87 13.80
CA ASP A 90 -10.01 -31.47 15.11
C ASP A 90 -10.76 -32.80 14.95
N PRO A 91 -10.47 -33.79 15.81
CA PRO A 91 -11.23 -35.05 15.69
C PRO A 91 -12.71 -34.89 15.98
N ARG A 92 -13.06 -34.01 16.91
CA ARG A 92 -14.45 -33.77 17.27
C ARG A 92 -15.27 -33.18 16.12
N GLN A 93 -14.63 -32.74 15.03
CA GLN A 93 -15.32 -32.19 13.87
C GLN A 93 -15.82 -33.30 12.97
N SER A 94 -16.87 -33.01 12.21
CA SER A 94 -17.60 -34.02 11.49
C SER A 94 -16.96 -34.22 10.13
N GLU A 95 -16.66 -35.45 9.80
CA GLU A 95 -16.01 -35.74 8.53
C GLU A 95 -17.01 -35.69 7.40
N ALA A 96 -18.25 -36.11 7.66
CA ALA A 96 -19.30 -35.96 6.65
C ALA A 96 -19.55 -34.48 6.34
N ALA A 97 -19.53 -33.63 7.36
CA ALA A 97 -19.62 -32.20 7.14
C ALA A 97 -18.55 -31.71 6.16
N PHE A 98 -17.27 -31.87 6.51
N PHE A 98 -17.26 -31.89 6.50
CA PHE A 98 -16.18 -31.55 5.59
CA PHE A 98 -16.21 -31.51 5.56
C PHE A 98 -16.46 -32.07 4.17
C PHE A 98 -16.51 -32.05 4.16
N LEU A 99 -16.83 -33.34 4.05
CA LEU A 99 -17.04 -33.89 2.71
C LEU A 99 -18.26 -33.28 2.03
N GLU A 100 -19.27 -32.86 2.78
CA GLU A 100 -20.38 -32.19 2.12
C GLU A 100 -20.01 -30.74 1.74
N ILE A 101 -19.14 -30.09 2.54
CA ILE A 101 -18.61 -28.81 2.12
C ILE A 101 -17.89 -28.93 0.78
N LYS A 102 -17.07 -29.99 0.62
CA LYS A 102 -16.23 -30.13 -0.56
C LYS A 102 -17.06 -30.52 -1.77
N ARG A 103 -18.15 -31.23 -1.55
CA ARG A 103 -19.02 -31.58 -2.66
C ARG A 103 -19.64 -30.33 -3.28
N THR A 104 -20.17 -29.45 -2.42
CA THR A 104 -20.85 -28.27 -2.92
C THR A 104 -19.87 -27.26 -3.50
N TYR A 105 -18.76 -27.01 -2.80
CA TYR A 105 -17.72 -26.16 -3.37
C TYR A 105 -17.36 -26.62 -4.78
N ASP A 106 -17.09 -27.92 -4.92
CA ASP A 106 -16.58 -28.42 -6.18
C ASP A 106 -17.57 -28.23 -7.30
N ILE A 107 -18.87 -28.32 -7.00
CA ILE A 107 -19.88 -27.92 -8.00
C ILE A 107 -19.85 -26.42 -8.23
N TYR A 108 -19.83 -25.64 -7.16
CA TYR A 108 -19.90 -24.18 -7.33
C TYR A 108 -18.72 -23.66 -8.16
N HIS A 109 -17.50 -23.89 -7.67
CA HIS A 109 -16.31 -23.54 -8.41
C HIS A 109 -16.33 -24.06 -9.84
N GLY A 110 -16.74 -25.30 -10.04
CA GLY A 110 -16.82 -25.80 -11.39
C GLY A 110 -17.81 -25.01 -12.22
N ALA A 111 -18.91 -24.61 -11.60
CA ALA A 111 -19.90 -23.82 -12.30
C ALA A 111 -19.32 -22.46 -12.74
N LEU A 112 -18.55 -21.80 -11.87
CA LEU A 112 -18.00 -20.50 -12.23
C LEU A 112 -16.92 -20.66 -13.29
N ALA A 113 -16.20 -21.79 -13.23
CA ALA A 113 -15.22 -22.05 -14.25
C ALA A 113 -15.90 -22.24 -15.59
N GLU A 114 -17.15 -22.72 -15.57
CA GLU A 114 -17.89 -22.93 -16.82
C GLU A 114 -18.47 -21.64 -17.36
N LEU A 115 -18.82 -20.72 -16.46
CA LEU A 115 -19.29 -19.41 -16.90
C LEU A 115 -18.19 -18.73 -17.73
N ILE A 116 -16.92 -18.92 -17.35
CA ILE A 116 -15.85 -18.23 -18.05
C ILE A 116 -15.81 -18.70 -19.50
N GLN A 117 -16.16 -19.94 -19.75
CA GLN A 117 -16.11 -20.47 -21.12
C GLN A 117 -17.30 -20.04 -21.96
N LEU A 118 -18.51 -20.05 -21.36
CA LEU A 118 -19.72 -19.61 -22.06
C LEU A 118 -19.62 -18.17 -22.56
N LEU A 119 -19.13 -17.26 -21.72
CA LEU A 119 -18.97 -15.88 -22.14
C LEU A 119 -17.92 -15.75 -23.26
N GLY A 120 -16.76 -16.35 -23.10
CA GLY A 120 -15.76 -16.21 -24.14
C GLY A 120 -16.29 -16.63 -25.49
N ALA A 121 -17.12 -17.66 -25.51
CA ALA A 121 -17.83 -18.12 -26.69
C ALA A 121 -19.09 -17.30 -26.97
N GLY A 122 -19.41 -16.31 -26.15
CA GLY A 122 -20.54 -15.45 -26.49
C GLY A 122 -21.90 -16.07 -26.25
N LYS A 123 -21.96 -17.10 -25.41
CA LYS A 123 -23.17 -17.84 -25.11
C LYS A 123 -23.93 -17.18 -23.96
N ILE A 124 -24.46 -16.01 -24.27
CA ILE A 124 -25.00 -15.16 -23.23
C ILE A 124 -26.20 -15.80 -22.54
N ASN A 125 -27.10 -16.44 -23.30
CA ASN A 125 -28.30 -16.97 -22.66
C ASN A 125 -27.93 -18.15 -21.75
N GLU A 126 -27.26 -19.13 -22.34
CA GLU A 126 -26.69 -20.24 -21.58
C GLU A 126 -25.90 -19.74 -20.39
N PHE A 127 -25.11 -18.70 -20.58
CA PHE A 127 -24.39 -18.10 -19.48
C PHE A 127 -25.36 -17.72 -18.38
N PHE A 128 -26.39 -16.97 -18.77
CA PHE A 128 -27.35 -16.37 -17.87
C PHE A 128 -28.38 -17.37 -17.33
N ASP A 129 -28.70 -18.41 -18.08
CA ASP A 129 -29.63 -19.45 -17.61
C ASP A 129 -28.98 -20.45 -16.67
N GLN A 130 -27.66 -20.49 -16.62
CA GLN A 130 -27.02 -21.39 -15.68
C GLN A 130 -27.51 -21.14 -14.26
N PRO A 131 -27.93 -22.18 -13.51
CA PRO A 131 -28.42 -21.99 -12.14
C PRO A 131 -27.34 -21.91 -11.10
N THR A 132 -26.36 -21.04 -11.36
CA THR A 132 -25.34 -20.70 -10.37
C THR A 132 -25.95 -20.44 -9.02
N GLN A 133 -27.13 -19.85 -8.95
CA GLN A 133 -27.67 -19.55 -7.63
C GLN A 133 -27.94 -20.83 -6.82
N SER A 134 -28.42 -21.90 -7.46
CA SER A 134 -28.60 -23.15 -6.70
C SER A 134 -27.26 -23.68 -6.23
N TYR A 135 -26.28 -23.72 -7.13
CA TYR A 135 -24.99 -24.22 -6.70
C TYR A 135 -24.45 -23.45 -5.53
N GLN A 136 -24.60 -22.11 -5.55
CA GLN A 136 -24.08 -21.32 -4.48
C GLN A 136 -24.84 -21.57 -3.20
N ASP A 137 -26.18 -21.64 -3.29
CA ASP A 137 -27.01 -21.84 -2.11
C ASP A 137 -26.69 -23.19 -1.46
N ALA A 138 -26.45 -24.25 -2.27
CA ALA A 138 -26.09 -25.52 -1.66
C ALA A 138 -24.79 -25.38 -0.92
N PHE A 139 -23.90 -24.51 -1.40
CA PHE A 139 -22.63 -24.36 -0.71
C PHE A 139 -22.79 -23.46 0.51
N GLU A 140 -23.58 -22.42 0.39
CA GLU A 140 -23.79 -21.57 1.55
C GLU A 140 -24.50 -22.33 2.68
N LYS A 141 -25.49 -23.15 2.35
CA LYS A 141 -26.09 -24.05 3.35
C LYS A 141 -25.03 -24.79 4.19
N GLN A 142 -24.10 -25.49 3.52
CA GLN A 142 -23.07 -26.25 4.23
C GLN A 142 -22.14 -25.35 5.04
N TYR A 143 -21.74 -24.20 4.46
CA TYR A 143 -20.88 -23.24 5.15
C TYR A 143 -21.50 -22.82 6.47
N MET A 144 -22.79 -22.49 6.45
CA MET A 144 -23.45 -21.98 7.64
C MET A 144 -23.58 -23.06 8.71
N ALA A 145 -23.97 -24.27 8.31
CA ALA A 145 -23.97 -25.39 9.22
C ALA A 145 -22.62 -25.54 9.91
N TYR A 146 -21.55 -25.56 9.12
CA TYR A 146 -20.25 -25.94 9.67
C TYR A 146 -19.72 -24.85 10.60
N MET A 147 -20.08 -23.60 10.36
CA MET A 147 -19.70 -22.55 11.29
C MET A 147 -20.49 -22.61 12.59
N GLN A 148 -21.71 -23.16 12.54
CA GLN A 148 -22.47 -23.45 13.75
C GLN A 148 -21.82 -24.57 14.54
N GLN A 149 -21.40 -25.63 13.86
CA GLN A 149 -20.74 -26.74 14.55
C GLN A 149 -19.38 -26.31 15.12
N ASN A 150 -18.73 -25.34 14.49
CA ASN A 150 -17.48 -24.83 15.05
C ASN A 150 -17.71 -23.81 16.14
N ASP A 151 -18.77 -23.02 16.05
CA ASP A 151 -19.09 -22.13 17.14
C ASP A 151 -19.46 -22.90 18.39
N ARG A 152 -20.10 -24.07 18.22
CA ARG A 152 -20.38 -24.94 19.36
C ARG A 152 -19.08 -25.38 20.02
N LEU A 153 -18.14 -25.89 19.24
CA LEU A 153 -16.82 -26.25 19.79
C LEU A 153 -16.21 -25.09 20.59
N TYR A 154 -16.45 -23.85 20.18
CA TYR A 154 -16.08 -22.70 21.02
C TYR A 154 -16.84 -22.76 22.36
N ASP A 155 -18.17 -22.80 22.29
CA ASP A 155 -19.02 -22.76 23.49
C ASP A 155 -18.57 -23.76 24.55
N ILE A 156 -17.92 -24.85 24.15
CA ILE A 156 -17.63 -25.95 25.06
C ILE A 156 -16.16 -26.01 25.46
N ALA A 157 -15.24 -25.48 24.66
CA ALA A 157 -13.84 -25.40 25.05
C ALA A 157 -13.65 -24.51 26.27
N VAL B 18 -14.55 -12.00 26.77
CA VAL B 18 -13.91 -11.01 25.91
C VAL B 18 -13.51 -11.63 24.57
N LEU B 19 -12.89 -12.82 24.62
CA LEU B 19 -12.64 -13.55 23.40
C LEU B 19 -13.96 -13.91 22.70
N GLN B 20 -15.03 -14.17 23.46
CA GLN B 20 -16.29 -14.49 22.81
C GLN B 20 -16.85 -13.25 22.13
N THR B 21 -16.68 -12.09 22.77
CA THR B 21 -17.22 -10.85 22.21
C THR B 21 -16.54 -10.45 20.89
N ILE B 22 -15.35 -10.98 20.62
CA ILE B 22 -14.68 -10.70 19.34
C ILE B 22 -15.31 -11.51 18.23
N ARG B 23 -15.23 -12.85 18.35
CA ARG B 23 -15.83 -13.74 17.36
C ARG B 23 -17.24 -13.28 17.02
N GLN B 24 -17.95 -12.76 18.00
CA GLN B 24 -19.30 -12.29 17.72
C GLN B 24 -19.26 -11.09 16.80
N GLN B 25 -18.42 -10.10 17.12
CA GLN B 25 -18.19 -8.99 16.22
C GLN B 25 -17.73 -9.47 14.85
N GLN B 26 -16.67 -10.27 14.81
CA GLN B 26 -16.15 -10.68 13.52
C GLN B 26 -17.23 -11.35 12.70
N SER B 27 -18.10 -12.12 13.35
CA SER B 27 -19.11 -12.85 12.60
C SER B 27 -20.20 -11.92 12.10
N ALA B 28 -20.58 -10.93 12.91
CA ALA B 28 -21.57 -9.95 12.46
C ALA B 28 -21.03 -9.12 11.30
N LEU B 29 -19.76 -8.75 11.37
CA LEU B 29 -19.22 -7.91 10.31
C LEU B 29 -19.05 -8.73 9.04
N ASN B 30 -18.43 -9.92 9.15
CA ASN B 30 -18.36 -10.82 8.01
C ASN B 30 -19.73 -11.03 7.36
N ALA B 31 -20.78 -11.23 8.16
CA ALA B 31 -22.07 -11.47 7.55
C ALA B 31 -22.51 -10.28 6.71
N THR B 32 -22.16 -9.05 7.12
CA THR B 32 -22.44 -7.86 6.29
C THR B 32 -21.66 -7.89 4.98
N TRP B 33 -20.33 -7.99 5.05
CA TRP B 33 -19.50 -8.21 3.87
C TRP B 33 -20.18 -9.16 2.89
N VAL B 34 -20.35 -10.43 3.34
CA VAL B 34 -20.90 -11.48 2.49
C VAL B 34 -22.15 -11.01 1.78
N GLU B 35 -22.99 -10.27 2.48
CA GLU B 35 -24.26 -9.85 1.95
C GLU B 35 -24.14 -8.65 1.02
N LEU B 36 -23.20 -7.75 1.33
CA LEU B 36 -22.89 -6.69 0.36
C LEU B 36 -22.50 -7.30 -0.98
N LEU B 37 -21.77 -8.43 -0.95
CA LEU B 37 -21.31 -9.06 -2.18
C LEU B 37 -22.43 -9.78 -2.92
N GLN B 38 -23.32 -10.49 -2.20
CA GLN B 38 -24.43 -11.13 -2.91
C GLN B 38 -25.34 -10.10 -3.55
N THR B 39 -25.52 -8.94 -2.91
CA THR B 39 -26.36 -7.90 -3.49
C THR B 39 -25.76 -7.35 -4.79
N ARG B 40 -24.46 -7.08 -4.79
CA ARG B 40 -23.84 -6.56 -6.00
C ARG B 40 -24.02 -7.53 -7.16
N ASN B 41 -23.85 -8.82 -6.88
CA ASN B 41 -23.94 -9.82 -7.92
C ASN B 41 -25.36 -9.87 -8.44
N THR B 42 -26.31 -9.88 -7.51
CA THR B 42 -27.72 -9.85 -7.93
C THR B 42 -27.98 -8.62 -8.80
N LEU B 43 -27.56 -7.42 -8.35
CA LEU B 43 -27.77 -6.22 -9.18
C LEU B 43 -27.22 -6.40 -10.59
N ASN B 44 -25.98 -6.91 -10.70
CA ASN B 44 -25.37 -7.06 -12.01
C ASN B 44 -26.14 -8.07 -12.83
N ARG B 45 -26.64 -9.14 -12.18
CA ARG B 45 -27.54 -10.07 -12.88
C ARG B 45 -28.72 -9.34 -13.49
N ALA B 46 -29.29 -8.41 -12.74
CA ALA B 46 -30.47 -7.66 -13.21
C ALA B 46 -30.15 -6.79 -14.43
N GLY B 47 -28.95 -6.20 -14.49
CA GLY B 47 -28.57 -5.40 -15.66
C GLY B 47 -28.39 -6.26 -16.90
N ILE B 48 -27.87 -7.47 -16.74
CA ILE B 48 -27.80 -8.32 -17.91
C ILE B 48 -29.22 -8.58 -18.41
N ARG B 49 -30.08 -8.93 -17.49
CA ARG B 49 -31.43 -9.29 -17.91
C ARG B 49 -32.13 -8.10 -18.56
N TRP B 50 -31.99 -6.89 -17.97
CA TRP B 50 -32.47 -5.62 -18.53
C TRP B 50 -31.99 -5.47 -19.96
N MET B 51 -30.66 -5.47 -20.12
CA MET B 51 -30.10 -5.39 -21.45
C MET B 51 -30.74 -6.40 -22.35
N MET B 52 -30.96 -7.62 -21.83
CA MET B 52 -31.53 -8.69 -22.64
C MET B 52 -32.97 -8.40 -23.05
N ASP B 53 -33.77 -7.91 -22.10
CA ASP B 53 -35.14 -7.55 -22.41
C ASP B 53 -35.14 -6.53 -23.55
N GLN B 54 -34.23 -5.54 -23.48
CA GLN B 54 -34.15 -4.51 -24.50
C GLN B 54 -33.64 -5.04 -25.83
N SER B 55 -33.05 -6.22 -25.86
CA SER B 55 -32.61 -6.81 -27.12
C SER B 55 -33.48 -8.01 -27.50
N ASN B 56 -34.52 -8.26 -26.73
CA ASN B 56 -35.50 -9.30 -27.03
C ASN B 56 -34.88 -10.71 -27.02
N ILE B 57 -33.99 -10.93 -26.09
CA ILE B 57 -33.47 -12.26 -25.81
C ILE B 57 -33.56 -12.52 -24.31
N GLY B 58 -34.63 -12.05 -23.68
CA GLY B 58 -34.79 -12.29 -22.26
C GLY B 58 -34.98 -13.77 -21.99
N SER B 59 -34.26 -14.27 -20.96
CA SER B 59 -34.33 -15.64 -20.47
C SER B 59 -33.87 -15.68 -19.02
N GLY B 60 -34.01 -16.84 -18.40
CA GLY B 60 -33.55 -16.96 -17.03
C GLY B 60 -34.46 -16.20 -16.09
N ALA B 61 -33.88 -15.71 -14.98
CA ALA B 61 -34.59 -14.87 -14.03
C ALA B 61 -34.90 -13.46 -14.56
N THR B 62 -36.02 -12.89 -14.08
CA THR B 62 -36.52 -11.60 -14.53
C THR B 62 -35.90 -10.45 -13.76
N VAL B 63 -35.84 -9.27 -14.44
CA VAL B 63 -35.38 -8.08 -13.74
C VAL B 63 -36.12 -7.94 -12.43
N ALA B 64 -37.47 -8.07 -12.49
CA ALA B 64 -38.32 -7.85 -11.33
C ALA B 64 -37.97 -8.82 -10.20
N GLU B 65 -37.77 -10.09 -10.53
CA GLU B 65 -37.37 -11.04 -9.50
C GLU B 65 -35.99 -10.67 -8.94
N LEU B 66 -35.05 -10.32 -9.78
CA LEU B 66 -33.73 -9.96 -9.32
C LEU B 66 -33.69 -8.67 -8.49
N MET B 67 -34.49 -7.69 -8.84
CA MET B 67 -34.53 -6.47 -8.13
C MET B 67 -35.18 -6.61 -6.79
N GLN B 68 -36.04 -7.59 -6.66
CA GLN B 68 -36.62 -7.78 -5.33
C GLN B 68 -35.72 -8.60 -4.43
N GLY B 69 -34.95 -9.55 -5.00
CA GLY B 69 -33.87 -10.15 -4.20
C GLY B 69 -32.86 -9.12 -3.74
N ALA B 70 -32.43 -8.25 -4.64
CA ALA B 70 -31.45 -7.22 -4.30
C ALA B 70 -32.00 -6.28 -3.23
N THR B 71 -33.26 -5.85 -3.38
CA THR B 71 -33.89 -5.02 -2.33
C THR B 71 -33.90 -5.76 -1.00
N ASN B 72 -34.26 -7.03 -1.05
CA ASN B 72 -34.26 -7.84 0.14
C ASN B 72 -32.87 -7.95 0.74
N THR B 73 -31.84 -8.24 -0.06
CA THR B 73 -30.54 -8.49 0.60
C THR B 73 -29.85 -7.20 1.08
N LEU B 74 -30.20 -6.06 0.49
CA LEU B 74 -29.70 -4.80 0.98
C LEU B 74 -30.31 -4.43 2.33
N LYS B 75 -31.50 -4.93 2.65
CA LYS B 75 -32.01 -4.70 4.00
C LYS B 75 -31.35 -5.67 4.96
N LEU B 76 -31.15 -6.92 4.54
CA LEU B 76 -30.40 -7.85 5.38
C LEU B 76 -29.04 -7.28 5.72
N THR B 77 -28.43 -6.51 4.80
CA THR B 77 -27.09 -5.94 5.02
C THR B 77 -27.26 -4.82 6.00
N GLU B 78 -28.22 -3.96 5.76
CA GLU B 78 -28.48 -2.96 6.72
C GLU B 78 -28.62 -3.61 8.07
N LYS B 79 -29.32 -4.72 8.17
CA LYS B 79 -29.61 -5.33 9.49
C LYS B 79 -28.39 -5.98 10.05
N ASN B 80 -27.78 -6.87 9.28
CA ASN B 80 -26.48 -7.39 9.69
C ASN B 80 -25.58 -6.26 10.23
N TRP B 81 -25.60 -5.11 9.56
CA TRP B 81 -24.68 -4.04 9.96
C TRP B 81 -25.07 -3.48 11.31
N GLU B 82 -26.35 -3.12 11.51
CA GLU B 82 -26.78 -2.58 12.79
C GLU B 82 -26.61 -3.58 13.94
N GLN B 83 -26.56 -4.87 13.63
CA GLN B 83 -26.26 -5.85 14.67
C GLN B 83 -24.78 -5.84 15.04
N TYR B 84 -23.88 -5.73 14.05
CA TYR B 84 -22.46 -5.58 14.36
C TYR B 84 -22.21 -4.31 15.18
N GLU B 85 -22.90 -3.23 14.84
CA GLU B 85 -22.58 -1.95 15.44
C GLU B 85 -22.95 -1.93 16.92
N ALA B 86 -24.04 -2.60 17.27
CA ALA B 86 -24.53 -2.56 18.63
C ALA B 86 -23.79 -3.52 19.53
N LEU B 87 -23.13 -4.52 18.95
CA LEU B 87 -22.25 -5.37 19.74
C LEU B 87 -21.22 -4.52 20.47
N PRO B 88 -20.98 -4.77 21.75
CA PRO B 88 -20.01 -3.96 22.49
C PRO B 88 -18.61 -4.10 21.91
N ARG B 89 -17.96 -2.95 21.71
CA ARG B 89 -16.59 -2.91 21.21
C ARG B 89 -15.63 -2.86 22.40
N ASP B 90 -14.72 -3.84 22.48
CA ASP B 90 -13.72 -3.81 23.54
C ASP B 90 -12.98 -2.50 23.55
N PRO B 91 -12.59 -1.94 24.73
CA PRO B 91 -11.70 -0.77 24.76
C PRO B 91 -10.30 -0.95 24.10
N ARG B 92 -9.78 -2.16 23.91
CA ARG B 92 -8.52 -2.35 23.21
C ARG B 92 -8.68 -2.24 21.70
N GLN B 93 -9.92 -2.29 21.20
CA GLN B 93 -10.20 -2.11 19.78
C GLN B 93 -10.23 -0.63 19.44
N SER B 94 -9.89 -0.33 18.18
CA SER B 94 -9.51 1.03 17.78
C SER B 94 -10.72 1.81 17.28
N GLU B 95 -11.07 2.85 18.04
CA GLU B 95 -12.27 3.63 17.71
C GLU B 95 -12.17 4.25 16.32
N ALA B 96 -10.96 4.62 15.91
CA ALA B 96 -10.76 5.11 14.56
C ALA B 96 -10.98 4.00 13.55
N ALA B 97 -10.56 2.78 13.87
CA ALA B 97 -10.75 1.67 12.94
C ALA B 97 -12.23 1.42 12.69
N PHE B 98 -13.02 1.32 13.77
N PHE B 98 -13.03 1.33 13.75
CA PHE B 98 -14.47 1.21 13.64
CA PHE B 98 -14.46 1.18 13.57
C PHE B 98 -15.03 2.34 12.78
C PHE B 98 -15.02 2.34 12.75
N LEU B 99 -14.65 3.58 13.11
CA LEU B 99 -15.13 4.73 12.37
C LEU B 99 -14.81 4.65 10.89
N GLU B 100 -13.65 4.09 10.53
CA GLU B 100 -13.30 3.97 9.11
C GLU B 100 -14.06 2.84 8.40
N ILE B 101 -14.36 1.75 9.10
CA ILE B 101 -15.28 0.73 8.56
C ILE B 101 -16.64 1.36 8.26
N LYS B 102 -17.17 2.11 9.23
CA LYS B 102 -18.45 2.77 9.04
C LYS B 102 -18.41 3.63 7.80
N ARG B 103 -17.31 4.38 7.62
CA ARG B 103 -17.25 5.30 6.50
C ARG B 103 -17.35 4.52 5.19
N THR B 104 -16.52 3.49 5.04
CA THR B 104 -16.47 2.74 3.78
C THR B 104 -17.72 1.88 3.60
N TYR B 105 -18.19 1.25 4.68
CA TYR B 105 -19.52 0.63 4.66
C TYR B 105 -20.57 1.61 4.11
N ASP B 106 -20.72 2.78 4.75
CA ASP B 106 -21.84 3.64 4.36
C ASP B 106 -21.77 4.07 2.91
N ILE B 107 -20.54 4.24 2.36
CA ILE B 107 -20.38 4.58 0.94
C ILE B 107 -20.87 3.44 0.07
N TYR B 108 -20.41 2.22 0.42
CA TYR B 108 -20.68 1.01 -0.36
C TYR B 108 -22.17 0.69 -0.35
N HIS B 109 -22.72 0.53 0.85
CA HIS B 109 -24.17 0.37 0.98
C HIS B 109 -24.94 1.39 0.16
N GLY B 110 -24.70 2.69 0.44
CA GLY B 110 -25.40 3.74 -0.29
C GLY B 110 -25.22 3.65 -1.79
N ALA B 111 -24.08 3.11 -2.22
CA ALA B 111 -23.87 2.96 -3.65
C ALA B 111 -24.75 1.87 -4.23
N LEU B 112 -24.89 0.72 -3.53
CA LEU B 112 -25.75 -0.32 -4.12
C LEU B 112 -27.20 0.16 -4.08
N ALA B 113 -27.57 0.93 -3.04
CA ALA B 113 -28.88 1.55 -3.04
C ALA B 113 -29.04 2.44 -4.27
N GLU B 114 -27.97 3.14 -4.68
CA GLU B 114 -28.13 3.99 -5.86
C GLU B 114 -28.28 3.11 -7.08
N LEU B 115 -27.69 1.93 -7.07
CA LEU B 115 -27.80 1.12 -8.26
C LEU B 115 -29.24 0.65 -8.44
N ILE B 116 -29.97 0.45 -7.34
CA ILE B 116 -31.35 0.03 -7.48
C ILE B 116 -32.14 1.11 -8.21
N GLN B 117 -31.94 2.36 -7.80
CA GLN B 117 -32.65 3.50 -8.40
C GLN B 117 -32.28 3.69 -9.86
N LEU B 118 -30.98 3.55 -10.17
CA LEU B 118 -30.53 3.71 -11.54
C LEU B 118 -31.15 2.67 -12.46
N LEU B 119 -31.14 1.39 -12.03
CA LEU B 119 -31.65 0.35 -12.91
C LEU B 119 -33.17 0.51 -13.07
N GLY B 120 -33.85 0.77 -11.97
CA GLY B 120 -35.27 1.10 -12.06
C GLY B 120 -35.58 2.16 -13.10
N ALA B 121 -34.65 3.06 -13.35
CA ALA B 121 -34.88 4.18 -14.24
C ALA B 121 -34.34 3.95 -15.63
N GLY B 122 -33.96 2.74 -15.96
CA GLY B 122 -33.43 2.50 -17.28
C GLY B 122 -32.03 3.05 -17.51
N LYS B 123 -31.36 3.55 -16.47
CA LYS B 123 -30.12 4.30 -16.61
C LYS B 123 -28.91 3.37 -16.62
N ILE B 124 -28.79 2.62 -17.72
CA ILE B 124 -27.88 1.48 -17.72
C ILE B 124 -26.42 1.91 -17.74
N ASN B 125 -26.09 3.02 -18.42
CA ASN B 125 -24.69 3.46 -18.51
C ASN B 125 -24.21 4.02 -17.19
N GLU B 126 -25.04 4.87 -16.57
CA GLU B 126 -24.77 5.35 -15.21
C GLU B 126 -24.69 4.19 -14.20
N PHE B 127 -25.54 3.18 -14.38
CA PHE B 127 -25.43 1.92 -13.63
C PHE B 127 -24.06 1.30 -13.85
N PHE B 128 -23.73 1.02 -15.12
CA PHE B 128 -22.51 0.24 -15.35
C PHE B 128 -21.26 1.01 -15.00
N ASP B 129 -21.32 2.35 -15.12
CA ASP B 129 -20.15 3.21 -14.91
C ASP B 129 -19.85 3.47 -13.45
N GLN B 130 -20.87 3.49 -12.60
CA GLN B 130 -20.64 3.80 -11.19
C GLN B 130 -19.39 3.06 -10.70
N PRO B 131 -18.47 3.73 -9.95
CA PRO B 131 -17.25 3.03 -9.48
C PRO B 131 -17.49 2.20 -8.21
N THR B 132 -18.41 1.23 -8.32
CA THR B 132 -18.68 0.32 -7.19
C THR B 132 -17.43 -0.40 -6.72
N GLN B 133 -16.63 -0.90 -7.65
CA GLN B 133 -15.40 -1.60 -7.26
C GLN B 133 -14.59 -0.77 -6.27
N SER B 134 -14.52 0.54 -6.51
CA SER B 134 -13.69 1.37 -5.65
C SER B 134 -14.27 1.41 -4.27
N TYR B 135 -15.59 1.53 -4.16
CA TYR B 135 -16.17 1.51 -2.81
C TYR B 135 -15.99 0.13 -2.16
N GLN B 136 -16.23 -0.93 -2.91
CA GLN B 136 -16.00 -2.25 -2.35
C GLN B 136 -14.56 -2.42 -1.89
N ASP B 137 -13.60 -2.08 -2.78
CA ASP B 137 -12.20 -2.25 -2.39
C ASP B 137 -11.91 -1.50 -1.12
N ALA B 138 -12.43 -0.27 -1.01
CA ALA B 138 -12.15 0.56 0.13
C ALA B 138 -12.71 -0.05 1.40
N PHE B 139 -13.92 -0.60 1.31
CA PHE B 139 -14.48 -1.32 2.47
C PHE B 139 -13.65 -2.55 2.78
N GLU B 140 -13.28 -3.32 1.77
CA GLU B 140 -12.53 -4.54 2.02
C GLU B 140 -11.16 -4.26 2.65
N LYS B 141 -10.61 -3.08 2.40
CA LYS B 141 -9.31 -2.74 2.98
C LYS B 141 -9.45 -2.58 4.48
N GLN B 142 -10.50 -1.88 4.92
CA GLN B 142 -10.70 -1.67 6.35
C GLN B 142 -11.09 -2.97 7.04
N TYR B 143 -11.83 -3.82 6.33
CA TYR B 143 -12.29 -5.09 6.90
C TYR B 143 -11.14 -6.05 7.09
N MET B 144 -10.25 -6.17 6.08
CA MET B 144 -9.07 -7.03 6.22
C MET B 144 -8.18 -6.56 7.38
N ALA B 145 -8.00 -5.24 7.52
CA ALA B 145 -7.18 -4.73 8.59
C ALA B 145 -7.84 -4.92 9.95
N TYR B 146 -9.17 -4.81 10.01
CA TYR B 146 -9.86 -4.97 11.28
C TYR B 146 -9.73 -6.40 11.79
N MET B 147 -9.84 -7.36 10.90
CA MET B 147 -9.69 -8.74 11.25
C MET B 147 -8.31 -9.07 11.78
N GLN B 148 -7.26 -8.86 11.00
CA GLN B 148 -5.89 -9.08 11.47
C GLN B 148 -5.68 -8.48 12.84
N GLN B 149 -6.21 -7.29 13.10
CA GLN B 149 -6.07 -6.80 14.45
C GLN B 149 -6.79 -7.70 15.46
N ASN B 150 -8.06 -8.00 15.22
CA ASN B 150 -8.77 -8.84 16.18
C ASN B 150 -8.08 -10.19 16.34
N ASP B 151 -7.42 -10.67 15.29
CA ASP B 151 -6.76 -11.97 15.33
C ASP B 151 -5.47 -11.93 16.13
N ARG B 152 -4.65 -10.89 15.93
CA ARG B 152 -3.55 -10.63 16.86
C ARG B 152 -4.07 -10.53 18.29
N LEU B 153 -5.23 -9.87 18.46
CA LEU B 153 -5.81 -9.72 19.79
C LEU B 153 -6.27 -11.06 20.38
N TYR B 154 -6.94 -11.90 19.58
CA TYR B 154 -7.20 -13.27 20.02
C TYR B 154 -5.89 -13.93 20.46
N ASP B 155 -4.89 -13.90 19.57
CA ASP B 155 -3.58 -14.50 19.86
C ASP B 155 -3.12 -14.20 21.27
N ILE B 156 -3.09 -12.91 21.64
CA ILE B 156 -2.59 -12.49 22.94
C ILE B 156 -3.25 -13.30 24.06
N ALA B 157 -4.57 -13.18 24.18
CA ALA B 157 -5.31 -13.99 25.15
C ALA B 157 -5.10 -15.47 24.88
N LEU C 19 12.62 -20.59 -6.36
CA LEU C 19 12.17 -19.97 -5.11
C LEU C 19 12.96 -18.70 -4.82
N GLN C 20 14.09 -18.57 -5.51
CA GLN C 20 14.84 -17.32 -5.44
C GLN C 20 14.38 -16.36 -6.51
N THR C 21 13.98 -16.87 -7.68
CA THR C 21 13.35 -16.02 -8.68
C THR C 21 12.18 -15.24 -8.08
N ILE C 22 11.42 -15.89 -7.18
CA ILE C 22 10.26 -15.21 -6.62
C ILE C 22 10.66 -14.24 -5.51
N ARG C 23 11.77 -14.49 -4.81
CA ARG C 23 12.19 -13.51 -3.82
C ARG C 23 12.61 -12.22 -4.50
N GLN C 24 12.97 -12.29 -5.77
CA GLN C 24 13.40 -11.09 -6.46
C GLN C 24 12.22 -10.37 -7.06
N GLN C 25 11.29 -11.10 -7.67
CA GLN C 25 10.04 -10.48 -8.10
C GLN C 25 9.45 -9.66 -6.95
N GLN C 26 9.18 -10.32 -5.83
CA GLN C 26 8.48 -9.66 -4.76
C GLN C 26 9.21 -8.39 -4.35
N SER C 27 10.52 -8.52 -4.12
CA SER C 27 11.32 -7.36 -3.69
C SER C 27 11.19 -6.21 -4.67
N ALA C 28 11.24 -6.51 -5.98
CA ALA C 28 11.12 -5.46 -6.97
C ALA C 28 9.73 -4.84 -6.93
N LEU C 29 8.71 -5.68 -7.05
CA LEU C 29 7.34 -5.19 -6.92
C LEU C 29 7.22 -4.31 -5.68
N ASN C 30 7.85 -4.72 -4.58
CA ASN C 30 7.66 -3.96 -3.36
C ASN C 30 8.40 -2.63 -3.38
N ALA C 31 9.52 -2.56 -4.10
CA ALA C 31 10.17 -1.28 -4.32
C ALA C 31 9.27 -0.35 -5.12
N THR C 32 8.53 -0.89 -6.09
CA THR C 32 7.60 -0.05 -6.86
C THR C 32 6.45 0.52 -6.00
N TRP C 33 5.76 -0.37 -5.26
CA TRP C 33 4.78 0.05 -4.26
C TRP C 33 5.34 1.14 -3.35
N VAL C 34 6.61 1.04 -2.99
CA VAL C 34 7.12 2.02 -2.04
C VAL C 34 7.41 3.34 -2.73
N GLU C 35 8.00 3.30 -3.92
CA GLU C 35 8.18 4.51 -4.70
C GLU C 35 6.84 5.19 -4.98
N LEU C 36 5.85 4.42 -5.40
CA LEU C 36 4.52 4.99 -5.65
C LEU C 36 4.06 5.79 -4.45
N LEU C 37 4.16 5.18 -3.26
CA LEU C 37 3.65 5.87 -2.08
C LEU C 37 4.48 7.09 -1.69
N GLN C 38 5.76 7.10 -1.98
CA GLN C 38 6.57 8.28 -1.72
C GLN C 38 6.25 9.37 -2.74
N THR C 39 6.11 9.00 -4.00
CA THR C 39 5.72 9.98 -4.98
C THR C 39 4.46 10.73 -4.52
N ARG C 40 3.43 9.97 -4.14
CA ARG C 40 2.12 10.57 -3.81
C ARG C 40 2.22 11.51 -2.63
N ASN C 41 2.88 11.08 -1.57
CA ASN C 41 3.05 11.98 -0.44
C ASN C 41 3.73 13.27 -0.88
N THR C 42 4.63 13.16 -1.83
CA THR C 42 5.49 14.28 -2.11
C THR C 42 4.66 15.28 -2.86
N LEU C 43 3.85 14.78 -3.79
CA LEU C 43 2.88 15.64 -4.46
C LEU C 43 1.93 16.29 -3.48
N ASN C 44 1.45 15.54 -2.51
CA ASN C 44 0.54 16.16 -1.55
C ASN C 44 1.26 17.18 -0.70
N ARG C 45 2.55 16.98 -0.43
CA ARG C 45 3.34 18.00 0.24
C ARG C 45 3.37 19.26 -0.61
N ALA C 46 3.39 19.08 -1.93
CA ALA C 46 3.55 20.21 -2.83
C ALA C 46 2.25 21.01 -2.84
N GLY C 47 1.12 20.32 -2.77
CA GLY C 47 -0.15 21.03 -2.73
C GLY C 47 -0.28 21.90 -1.49
N ILE C 48 0.17 21.43 -0.35
CA ILE C 48 0.10 22.32 0.78
C ILE C 48 0.89 23.58 0.47
N ARG C 49 2.02 23.42 -0.23
CA ARG C 49 2.90 24.58 -0.42
C ARG C 49 2.31 25.56 -1.41
N TRP C 50 1.85 25.04 -2.56
CA TRP C 50 1.02 25.85 -3.44
C TRP C 50 0.02 26.59 -2.60
N MET C 51 -0.76 25.83 -1.83
CA MET C 51 -1.83 26.47 -1.07
C MET C 51 -1.26 27.62 -0.25
N MET C 52 -0.13 27.41 0.41
CA MET C 52 0.35 28.49 1.28
C MET C 52 0.88 29.65 0.45
N ASP C 53 1.55 29.36 -0.67
CA ASP C 53 1.92 30.42 -1.58
C ASP C 53 0.72 31.29 -1.96
N GLN C 54 -0.40 30.67 -2.30
CA GLN C 54 -1.58 31.48 -2.60
C GLN C 54 -1.94 32.41 -1.46
N SER C 55 -1.73 32.00 -0.21
CA SER C 55 -2.00 32.91 0.90
C SER C 55 -0.76 33.70 1.33
N ASN C 56 0.36 33.52 0.63
CA ASN C 56 1.59 34.26 0.94
C ASN C 56 2.07 34.00 2.38
N ILE C 57 1.84 32.78 2.87
CA ILE C 57 2.32 32.34 4.18
C ILE C 57 3.27 31.13 4.04
N GLY C 58 3.88 30.98 2.86
CA GLY C 58 4.71 29.84 2.59
C GLY C 58 5.96 29.80 3.45
N SER C 59 6.46 28.57 3.66
CA SER C 59 7.61 28.24 4.49
C SER C 59 8.05 26.82 4.12
N GLY C 60 9.29 26.48 4.47
CA GLY C 60 9.75 25.13 4.22
C GLY C 60 10.09 24.91 2.77
N ALA C 61 10.08 23.62 2.38
CA ALA C 61 10.26 23.24 0.97
C ALA C 61 9.34 24.06 0.06
N THR C 62 9.82 24.31 -1.17
CA THR C 62 9.05 25.07 -2.15
C THR C 62 8.36 24.11 -3.11
N VAL C 63 7.29 24.59 -3.75
CA VAL C 63 6.64 23.73 -4.73
C VAL C 63 7.71 23.15 -5.67
N ALA C 64 8.68 23.98 -6.05
CA ALA C 64 9.64 23.62 -7.09
C ALA C 64 10.47 22.43 -6.68
N GLU C 65 10.98 22.48 -5.46
CA GLU C 65 11.78 21.39 -4.90
C GLU C 65 10.96 20.12 -4.77
N LEU C 66 9.71 20.25 -4.27
CA LEU C 66 8.83 19.09 -4.10
C LEU C 66 8.42 18.51 -5.45
N MET C 67 8.11 19.36 -6.43
CA MET C 67 7.73 18.81 -7.73
C MET C 67 8.90 18.07 -8.38
N GLN C 68 10.12 18.59 -8.21
CA GLN C 68 11.24 17.88 -8.83
C GLN C 68 11.55 16.59 -8.05
N GLY C 69 11.37 16.60 -6.73
CA GLY C 69 11.30 15.32 -6.03
C GLY C 69 10.26 14.39 -6.62
N ALA C 70 9.06 14.89 -6.87
CA ALA C 70 8.01 13.99 -7.36
C ALA C 70 8.32 13.49 -8.76
N THR C 71 8.70 14.36 -9.70
CA THR C 71 8.98 13.83 -11.03
C THR C 71 10.08 12.79 -10.94
N ASN C 72 11.05 13.02 -10.07
CA ASN C 72 12.16 12.09 -9.98
C ASN C 72 11.68 10.75 -9.43
N THR C 73 11.07 10.76 -8.23
CA THR C 73 10.64 9.51 -7.61
C THR C 73 9.59 8.79 -8.45
N LEU C 74 8.81 9.52 -9.27
CA LEU C 74 7.99 8.82 -10.23
C LEU C 74 8.86 8.03 -11.19
N LYS C 75 9.92 8.67 -11.73
CA LYS C 75 10.81 7.94 -12.65
C LYS C 75 11.36 6.71 -11.99
N LEU C 76 11.79 6.84 -10.75
CA LEU C 76 12.25 5.66 -10.04
C LEU C 76 11.18 4.58 -10.04
N THR C 77 9.90 4.95 -9.83
CA THR C 77 8.82 3.95 -9.89
C THR C 77 8.90 3.17 -11.18
N GLU C 78 8.91 3.85 -12.33
CA GLU C 78 8.98 3.12 -13.59
C GLU C 78 10.15 2.17 -13.62
N LYS C 79 11.33 2.63 -13.19
CA LYS C 79 12.51 1.77 -13.22
C LYS C 79 12.26 0.51 -12.40
N ASN C 80 11.78 0.69 -11.17
CA ASN C 80 11.56 -0.48 -10.33
C ASN C 80 10.47 -1.37 -10.93
N TRP C 81 9.47 -0.74 -11.55
CA TRP C 81 8.43 -1.49 -12.21
C TRP C 81 9.00 -2.24 -13.39
N GLU C 82 9.80 -1.55 -14.21
CA GLU C 82 10.46 -2.16 -15.37
C GLU C 82 11.28 -3.39 -14.99
N GLN C 83 11.95 -3.38 -13.84
CA GLN C 83 12.79 -4.50 -13.48
C GLN C 83 12.00 -5.63 -12.84
N TYR C 84 10.95 -5.31 -12.08
CA TYR C 84 10.00 -6.34 -11.66
C TYR C 84 9.41 -7.06 -12.88
N GLU C 85 9.02 -6.30 -13.88
CA GLU C 85 8.42 -6.90 -15.06
C GLU C 85 9.41 -7.76 -15.82
N ALA C 86 10.70 -7.46 -15.72
CA ALA C 86 11.70 -8.16 -16.53
C ALA C 86 12.11 -9.49 -15.91
N LEU C 87 12.17 -9.57 -14.57
CA LEU C 87 12.42 -10.83 -13.90
C LEU C 87 11.53 -11.90 -14.50
N PRO C 88 11.95 -13.16 -14.48
CA PRO C 88 11.18 -14.20 -15.17
C PRO C 88 10.02 -14.70 -14.33
N ARG C 89 8.99 -15.22 -15.00
CA ARG C 89 7.80 -15.70 -14.33
C ARG C 89 7.82 -17.21 -14.18
N ASP C 90 7.96 -17.69 -12.94
CA ASP C 90 7.70 -19.09 -12.63
C ASP C 90 6.43 -19.53 -13.36
N PRO C 91 6.46 -20.66 -14.08
CA PRO C 91 5.24 -21.11 -14.78
C PRO C 91 4.08 -21.31 -13.84
N ARG C 92 4.37 -21.44 -12.54
CA ARG C 92 3.35 -21.69 -11.55
C ARG C 92 2.52 -20.47 -11.20
N GLN C 93 3.02 -19.26 -11.49
CA GLN C 93 2.34 -18.04 -11.09
C GLN C 93 1.23 -17.67 -12.08
N SER C 94 0.18 -17.03 -11.56
CA SER C 94 -1.02 -16.78 -12.35
C SER C 94 -0.71 -15.71 -13.40
N GLU C 95 -0.84 -16.09 -14.68
CA GLU C 95 -0.68 -15.09 -15.72
C GLU C 95 -1.64 -13.94 -15.49
N ALA C 96 -2.93 -14.27 -15.24
CA ALA C 96 -3.94 -13.25 -15.04
C ALA C 96 -3.65 -12.42 -13.80
N ALA C 97 -3.06 -13.02 -12.78
CA ALA C 97 -2.67 -12.21 -11.63
C ALA C 97 -1.69 -11.11 -12.05
N PHE C 98 -0.63 -11.47 -12.78
N PHE C 98 -0.62 -11.48 -12.77
CA PHE C 98 0.33 -10.45 -13.20
CA PHE C 98 0.34 -10.49 -13.23
C PHE C 98 -0.35 -9.39 -14.06
C PHE C 98 -0.34 -9.40 -14.06
N LEU C 99 -1.19 -9.81 -15.00
CA LEU C 99 -1.92 -8.85 -15.80
C LEU C 99 -2.80 -7.95 -14.95
N GLU C 100 -3.27 -8.42 -13.79
CA GLU C 100 -4.02 -7.53 -12.93
C GLU C 100 -3.09 -6.63 -12.10
N ILE C 101 -1.95 -7.16 -11.65
CA ILE C 101 -0.93 -6.29 -11.07
C ILE C 101 -0.71 -5.12 -11.99
N LYS C 102 -0.49 -5.42 -13.25
CA LYS C 102 -0.07 -4.42 -14.22
C LYS C 102 -1.20 -3.43 -14.49
N ARG C 103 -2.40 -3.94 -14.76
CA ARG C 103 -3.53 -3.03 -14.98
C ARG C 103 -3.65 -2.02 -13.83
N THR C 104 -3.79 -2.52 -12.62
CA THR C 104 -3.90 -1.61 -11.49
C THR C 104 -2.67 -0.70 -11.43
N TYR C 105 -1.46 -1.27 -11.61
CA TYR C 105 -0.25 -0.47 -11.52
C TYR C 105 -0.32 0.70 -12.47
N ASP C 106 -0.65 0.42 -13.74
CA ASP C 106 -0.63 1.46 -14.76
C ASP C 106 -1.56 2.58 -14.40
N ILE C 107 -2.75 2.24 -13.88
CA ILE C 107 -3.73 3.29 -13.54
C ILE C 107 -3.15 4.22 -12.49
N TYR C 108 -2.60 3.66 -11.43
CA TYR C 108 -2.08 4.46 -10.34
C TYR C 108 -0.93 5.37 -10.80
N HIS C 109 0.03 4.81 -11.55
CA HIS C 109 1.15 5.60 -12.07
C HIS C 109 0.66 6.72 -12.99
N GLY C 110 -0.21 6.39 -13.94
CA GLY C 110 -0.78 7.43 -14.79
C GLY C 110 -1.50 8.52 -14.02
N ALA C 111 -2.22 8.16 -12.97
CA ALA C 111 -2.89 9.19 -12.20
C ALA C 111 -1.88 10.09 -11.51
N LEU C 112 -0.77 9.50 -11.04
CA LEU C 112 0.25 10.30 -10.35
C LEU C 112 0.96 11.22 -11.32
N ALA C 113 1.01 10.81 -12.59
CA ALA C 113 1.53 11.70 -13.63
C ALA C 113 0.60 12.88 -13.83
N GLU C 114 -0.71 12.62 -13.77
CA GLU C 114 -1.70 13.69 -13.91
C GLU C 114 -1.60 14.66 -12.74
N LEU C 115 -1.42 14.14 -11.54
CA LEU C 115 -1.28 15.05 -10.42
C LEU C 115 -0.15 16.06 -10.68
N ILE C 116 0.89 15.66 -11.43
CA ILE C 116 2.00 16.57 -11.70
C ILE C 116 1.58 17.63 -12.71
N GLN C 117 0.94 17.21 -13.79
CA GLN C 117 0.40 18.19 -14.73
C GLN C 117 -0.53 19.19 -14.04
N LEU C 118 -1.50 18.68 -13.27
CA LEU C 118 -2.57 19.53 -12.73
C LEU C 118 -2.04 20.55 -11.74
N LEU C 119 -1.10 20.12 -10.90
CA LEU C 119 -0.59 21.04 -9.90
C LEU C 119 0.30 22.07 -10.56
N GLY C 120 0.94 21.71 -11.66
CA GLY C 120 1.76 22.68 -12.36
C GLY C 120 0.92 23.71 -13.06
N ALA C 121 -0.28 23.35 -13.46
CA ALA C 121 -1.24 24.29 -13.98
C ALA C 121 -2.05 24.98 -12.88
N GLY C 122 -1.75 24.75 -11.60
CA GLY C 122 -2.49 25.41 -10.53
C GLY C 122 -3.93 24.96 -10.38
N LYS C 123 -4.28 23.82 -10.95
CA LYS C 123 -5.62 23.22 -10.86
C LYS C 123 -5.76 22.43 -9.56
N ILE C 124 -5.82 23.18 -8.47
CA ILE C 124 -5.69 22.57 -7.16
C ILE C 124 -6.90 21.71 -6.82
N ASN C 125 -8.13 22.15 -7.19
CA ASN C 125 -9.31 21.36 -6.85
C ASN C 125 -9.36 20.07 -7.65
N GLU C 126 -9.07 20.15 -8.94
CA GLU C 126 -9.00 18.96 -9.77
C GLU C 126 -7.95 17.99 -9.28
N PHE C 127 -6.85 18.50 -8.73
CA PHE C 127 -5.77 17.68 -8.22
C PHE C 127 -6.19 16.98 -6.92
N PHE C 128 -6.74 17.76 -6.01
CA PHE C 128 -7.19 17.22 -4.74
C PHE C 128 -8.37 16.27 -4.92
N ASP C 129 -9.28 16.61 -5.83
CA ASP C 129 -10.48 15.81 -6.05
C ASP C 129 -10.19 14.49 -6.74
N GLN C 130 -9.02 14.32 -7.32
CA GLN C 130 -8.75 13.13 -8.10
C GLN C 130 -8.80 11.90 -7.19
N PRO C 131 -9.52 10.83 -7.56
CA PRO C 131 -9.71 9.67 -6.69
C PRO C 131 -8.48 8.80 -6.61
N THR C 132 -7.35 9.44 -6.35
CA THR C 132 -6.09 8.70 -6.26
C THR C 132 -6.24 7.50 -5.33
N GLN C 133 -6.96 7.66 -4.23
CA GLN C 133 -7.04 6.58 -3.26
C GLN C 133 -7.65 5.34 -3.91
N SER C 134 -8.65 5.50 -4.73
CA SER C 134 -9.27 4.35 -5.33
C SER C 134 -8.29 3.60 -6.22
N TYR C 135 -7.55 4.32 -7.07
CA TYR C 135 -6.51 3.67 -7.86
C TYR C 135 -5.48 2.99 -6.96
N GLN C 136 -5.07 3.65 -5.88
CA GLN C 136 -4.05 3.03 -5.04
C GLN C 136 -4.59 1.71 -4.46
N ASP C 137 -5.80 1.76 -3.87
CA ASP C 137 -6.41 0.61 -3.23
C ASP C 137 -6.50 -0.57 -4.17
N ALA C 138 -6.86 -0.32 -5.43
CA ALA C 138 -6.90 -1.42 -6.38
C ALA C 138 -5.53 -2.03 -6.54
N PHE C 139 -4.51 -1.17 -6.61
CA PHE C 139 -3.18 -1.71 -6.74
C PHE C 139 -2.83 -2.54 -5.52
N GLU C 140 -2.99 -1.96 -4.33
CA GLU C 140 -2.69 -2.71 -3.10
C GLU C 140 -3.43 -4.04 -3.05
N LYS C 141 -4.63 -4.10 -3.61
CA LYS C 141 -5.41 -5.33 -3.54
C LYS C 141 -4.72 -6.43 -4.32
N GLN C 142 -4.33 -6.12 -5.56
CA GLN C 142 -3.57 -7.10 -6.34
C GLN C 142 -2.21 -7.39 -5.70
N TYR C 143 -1.58 -6.38 -5.10
CA TYR C 143 -0.27 -6.58 -4.50
C TYR C 143 -0.30 -7.64 -3.42
N MET C 144 -1.28 -7.56 -2.52
CA MET C 144 -1.31 -8.47 -1.39
C MET C 144 -1.75 -9.87 -1.80
N ALA C 145 -2.70 -9.97 -2.74
CA ALA C 145 -3.03 -11.27 -3.30
C ALA C 145 -1.77 -11.93 -3.84
N TYR C 146 -0.97 -11.15 -4.57
CA TYR C 146 0.26 -11.65 -5.16
C TYR C 146 1.24 -12.09 -4.08
N MET C 147 1.42 -11.28 -3.04
N MET C 147 1.43 -11.28 -3.05
CA MET C 147 2.32 -11.68 -1.97
CA MET C 147 2.30 -11.69 -1.97
C MET C 147 1.84 -13.00 -1.36
C MET C 147 1.82 -13.01 -1.38
N GLN C 148 0.58 -13.05 -0.90
CA GLN C 148 0.03 -14.25 -0.30
C GLN C 148 0.23 -15.46 -1.17
N GLN C 149 -0.02 -15.33 -2.47
CA GLN C 149 0.09 -16.49 -3.35
C GLN C 149 1.55 -16.89 -3.57
N ASN C 150 2.41 -15.93 -3.92
CA ASN C 150 3.84 -16.26 -4.01
C ASN C 150 4.39 -16.73 -2.67
N ASP C 151 3.80 -16.30 -1.56
CA ASP C 151 4.23 -16.76 -0.24
C ASP C 151 3.85 -18.21 -0.01
N ARG C 152 2.54 -18.53 -0.13
CA ARG C 152 2.11 -19.92 -0.11
C ARG C 152 2.94 -20.74 -1.10
N LEU C 153 3.18 -20.19 -2.28
CA LEU C 153 4.06 -20.85 -3.24
C LEU C 153 5.44 -21.10 -2.64
N TYR C 154 6.04 -20.06 -2.04
CA TYR C 154 7.37 -20.18 -1.46
C TYR C 154 7.41 -21.13 -0.28
N ASP C 155 6.26 -21.60 0.21
CA ASP C 155 6.19 -22.51 1.35
C ASP C 155 5.78 -23.90 0.92
N ILE C 156 4.71 -24.00 0.14
CA ILE C 156 4.43 -25.18 -0.66
C ILE C 156 5.72 -25.65 -1.35
N ALA C 157 6.65 -24.72 -1.59
CA ALA C 157 7.96 -25.05 -2.16
C ALA C 157 9.01 -25.23 -1.08
N VAL D 18 13.44 -22.69 8.06
CA VAL D 18 14.76 -22.13 8.36
C VAL D 18 14.75 -20.65 7.97
N LEU D 19 14.98 -20.42 6.67
CA LEU D 19 14.72 -19.10 6.08
C LEU D 19 13.36 -18.57 6.50
N GLN D 20 12.37 -19.46 6.62
CA GLN D 20 11.00 -19.04 6.91
C GLN D 20 10.99 -18.00 8.02
N THR D 21 11.81 -18.19 9.05
CA THR D 21 11.91 -17.20 10.10
C THR D 21 12.05 -15.81 9.51
N ILE D 22 13.11 -15.54 8.73
CA ILE D 22 13.42 -14.16 8.38
C ILE D 22 12.36 -13.59 7.43
N ARG D 23 12.04 -14.30 6.34
CA ARG D 23 11.07 -13.78 5.39
C ARG D 23 9.78 -13.36 6.09
N GLN D 24 9.54 -13.92 7.28
CA GLN D 24 8.41 -13.54 8.10
C GLN D 24 8.70 -12.29 8.91
N GLN D 25 9.91 -12.20 9.42
CA GLN D 25 10.38 -10.96 10.03
C GLN D 25 10.28 -9.81 9.05
N GLN D 26 10.75 -10.03 7.81
CA GLN D 26 10.80 -8.95 6.85
C GLN D 26 9.40 -8.45 6.54
N SER D 27 8.47 -9.36 6.28
CA SER D 27 7.14 -8.94 5.88
C SER D 27 6.51 -8.08 6.95
N ALA D 28 6.74 -8.43 8.22
CA ALA D 28 6.17 -7.63 9.31
C ALA D 28 6.79 -6.24 9.35
N LEU D 29 8.10 -6.16 9.18
CA LEU D 29 8.77 -4.87 9.11
C LEU D 29 8.24 -4.07 7.94
N ASN D 30 8.13 -4.72 6.78
CA ASN D 30 7.66 -4.05 5.59
C ASN D 30 6.24 -3.47 5.76
N ALA D 31 5.32 -4.22 6.37
CA ALA D 31 3.98 -3.69 6.62
C ALA D 31 4.00 -2.51 7.57
N THR D 32 5.05 -2.40 8.36
CA THR D 32 5.15 -1.24 9.25
C THR D 32 5.66 -0.03 8.47
N TRP D 33 6.66 -0.27 7.61
CA TRP D 33 7.08 0.69 6.58
C TRP D 33 5.88 1.18 5.74
N VAL D 34 5.17 0.29 5.07
CA VAL D 34 4.05 0.75 4.24
C VAL D 34 3.04 1.56 5.05
N GLU D 35 2.66 1.11 6.25
CA GLU D 35 1.71 1.92 7.02
C GLU D 35 2.27 3.29 7.45
N LEU D 36 3.57 3.39 7.69
CA LEU D 36 4.17 4.70 7.89
C LEU D 36 4.01 5.58 6.66
N LEU D 37 4.38 5.04 5.49
CA LEU D 37 4.21 5.82 4.26
C LEU D 37 2.77 6.26 4.10
N GLN D 38 1.82 5.32 4.23
CA GLN D 38 0.40 5.69 4.03
C GLN D 38 -0.08 6.73 5.04
N THR D 39 0.36 6.65 6.30
CA THR D 39 -0.06 7.65 7.26
C THR D 39 0.43 9.04 6.83
N ARG D 40 1.67 9.11 6.34
CA ARG D 40 2.23 10.41 6.03
C ARG D 40 1.49 11.02 4.86
N ASN D 41 1.25 10.21 3.81
CA ASN D 41 0.49 10.73 2.69
C ASN D 41 -0.85 11.25 3.19
N THR D 42 -1.55 10.43 3.98
CA THR D 42 -2.86 10.84 4.41
C THR D 42 -2.82 12.16 5.17
N LEU D 43 -1.76 12.39 5.96
CA LEU D 43 -1.70 13.62 6.74
C LEU D 43 -1.51 14.84 5.87
N ASN D 44 -0.70 14.73 4.83
CA ASN D 44 -0.54 15.86 3.93
C ASN D 44 -1.79 16.13 3.11
N ARG D 45 -2.57 15.09 2.77
CA ARG D 45 -3.90 15.29 2.19
C ARG D 45 -4.74 16.15 3.11
N ALA D 46 -4.79 15.76 4.40
CA ALA D 46 -5.53 16.55 5.36
C ALA D 46 -5.03 17.97 5.37
N GLY D 47 -3.73 18.14 5.23
CA GLY D 47 -3.15 19.48 5.32
C GLY D 47 -3.65 20.39 4.22
N ILE D 48 -3.74 19.87 2.99
CA ILE D 48 -4.28 20.66 1.90
C ILE D 48 -5.74 21.01 2.14
N ARG D 49 -6.55 19.99 2.47
CA ARG D 49 -7.97 20.26 2.67
C ARG D 49 -8.13 21.29 3.75
N TRP D 50 -7.26 21.21 4.76
CA TRP D 50 -7.26 22.23 5.78
C TRP D 50 -7.09 23.62 5.16
N MET D 51 -6.07 23.77 4.29
CA MET D 51 -5.80 25.05 3.63
C MET D 51 -6.96 25.46 2.76
N MET D 52 -7.54 24.50 2.05
CA MET D 52 -8.68 24.84 1.22
C MET D 52 -9.90 25.32 2.01
N ASP D 53 -10.11 24.81 3.21
CA ASP D 53 -11.30 25.25 3.93
C ASP D 53 -11.14 26.69 4.40
N GLN D 54 -9.92 27.03 4.86
CA GLN D 54 -9.59 28.40 5.19
C GLN D 54 -9.74 29.31 3.97
N SER D 55 -9.51 28.79 2.78
CA SER D 55 -9.57 29.61 1.58
C SER D 55 -10.90 29.44 0.85
N ASN D 56 -11.90 28.91 1.52
CA ASN D 56 -13.23 28.70 0.96
C ASN D 56 -13.21 28.09 -0.43
N ILE D 57 -12.36 27.08 -0.60
CA ILE D 57 -12.34 26.28 -1.82
C ILE D 57 -12.33 24.79 -1.48
N GLY D 58 -12.85 24.45 -0.31
CA GLY D 58 -12.89 23.04 0.09
C GLY D 58 -13.63 22.16 -0.90
N SER D 59 -13.01 21.02 -1.29
CA SER D 59 -13.64 20.02 -2.12
C SER D 59 -12.99 18.66 -1.79
N GLY D 60 -13.44 17.61 -2.48
CA GLY D 60 -12.84 16.30 -2.24
C GLY D 60 -13.08 15.82 -0.83
N ALA D 61 -12.07 15.19 -0.23
CA ALA D 61 -12.29 14.61 1.09
C ALA D 61 -12.18 15.70 2.17
N THR D 62 -12.74 15.41 3.35
CA THR D 62 -12.77 16.34 4.46
C THR D 62 -11.57 16.15 5.37
N VAL D 63 -11.19 17.21 6.05
CA VAL D 63 -10.17 17.08 7.09
C VAL D 63 -10.57 15.96 8.05
N ALA D 64 -11.82 15.99 8.52
CA ALA D 64 -12.30 15.05 9.53
C ALA D 64 -12.03 13.61 9.12
N GLU D 65 -12.37 13.24 7.88
CA GLU D 65 -12.24 11.85 7.44
C GLU D 65 -10.78 11.50 7.15
N LEU D 66 -10.01 12.48 6.68
CA LEU D 66 -8.57 12.27 6.51
C LEU D 66 -7.87 12.14 7.86
N MET D 67 -8.27 12.92 8.87
CA MET D 67 -7.59 12.83 10.15
C MET D 67 -7.92 11.53 10.85
N GLN D 68 -9.11 11.00 10.60
CA GLN D 68 -9.46 9.74 11.26
C GLN D 68 -8.78 8.58 10.57
N GLY D 69 -8.70 8.59 9.24
CA GLY D 69 -7.85 7.62 8.56
C GLY D 69 -6.42 7.65 9.06
N ALA D 70 -5.83 8.85 9.12
CA ALA D 70 -4.47 8.94 9.65
C ALA D 70 -4.39 8.40 11.06
N THR D 71 -5.35 8.74 11.93
CA THR D 71 -5.27 8.15 13.26
C THR D 71 -5.35 6.64 13.14
N ASN D 72 -6.20 6.17 12.23
CA ASN D 72 -6.34 4.74 12.07
C ASN D 72 -4.99 4.12 11.70
N THR D 73 -4.39 4.57 10.60
CA THR D 73 -3.21 3.87 10.09
C THR D 73 -1.97 4.09 10.97
N LEU D 74 -1.93 5.17 11.75
CA LEU D 74 -0.84 5.29 12.71
C LEU D 74 -0.95 4.23 13.81
N LYS D 75 -2.15 3.96 14.31
CA LYS D 75 -2.31 2.85 15.22
C LYS D 75 -1.94 1.55 14.54
N LEU D 76 -2.40 1.32 13.31
CA LEU D 76 -1.99 0.08 12.67
C LEU D 76 -0.48 -0.03 12.69
N THR D 77 0.21 1.09 12.45
CA THR D 77 1.65 1.10 12.41
C THR D 77 2.20 0.47 13.67
N GLU D 78 1.80 0.98 14.85
CA GLU D 78 2.26 0.43 16.10
C GLU D 78 1.98 -1.06 16.18
N LYS D 79 0.76 -1.45 15.80
CA LYS D 79 0.39 -2.86 15.91
C LYS D 79 1.28 -3.72 15.03
N ASN D 80 1.57 -3.24 13.81
CA ASN D 80 2.43 -3.98 12.90
C ASN D 80 3.88 -3.94 13.37
N TRP D 81 4.26 -2.90 14.10
CA TRP D 81 5.60 -2.87 14.68
C TRP D 81 5.73 -3.91 15.79
N GLU D 82 4.82 -3.86 16.77
CA GLU D 82 4.86 -4.79 17.89
C GLU D 82 4.82 -6.24 17.39
N GLN D 83 3.99 -6.51 16.39
CA GLN D 83 4.07 -7.77 15.63
C GLN D 83 5.53 -8.08 15.31
N TYR D 84 6.15 -7.26 14.45
CA TYR D 84 7.50 -7.55 13.98
C TYR D 84 8.46 -7.71 15.15
N GLU D 85 8.37 -6.83 16.12
CA GLU D 85 9.24 -6.91 17.29
C GLU D 85 9.01 -8.22 18.02
N ALA D 86 7.73 -8.53 18.31
CA ALA D 86 7.41 -9.73 19.08
C ALA D 86 8.04 -10.98 18.50
N LEU D 87 8.43 -10.94 17.27
CA LEU D 87 8.77 -12.11 16.52
C LEU D 87 10.18 -12.62 16.87
N PRO D 88 10.41 -13.92 16.75
CA PRO D 88 11.76 -14.46 16.95
C PRO D 88 12.74 -14.09 15.85
N ARG D 89 14.01 -14.15 16.21
CA ARG D 89 15.12 -13.75 15.36
C ARG D 89 16.21 -14.82 15.35
N ASP D 90 16.58 -15.25 14.15
CA ASP D 90 17.80 -16.01 13.88
C ASP D 90 18.96 -15.45 14.70
N PRO D 91 19.94 -16.30 15.12
CA PRO D 91 21.02 -15.79 15.98
C PRO D 91 22.13 -15.20 15.13
N ARG D 92 22.10 -15.54 13.83
CA ARG D 92 23.03 -14.99 12.85
C ARG D 92 22.69 -13.55 12.48
N GLN D 93 21.60 -12.99 13.01
CA GLN D 93 21.17 -11.64 12.70
C GLN D 93 21.85 -10.65 13.64
N SER D 94 21.89 -9.39 13.23
CA SER D 94 22.70 -8.38 13.89
C SER D 94 21.84 -7.60 14.87
N GLU D 95 22.06 -7.83 16.16
CA GLU D 95 21.32 -7.11 17.18
C GLU D 95 21.51 -5.59 17.04
N ALA D 96 22.58 -5.14 16.38
CA ALA D 96 22.80 -3.71 16.18
C ALA D 96 21.89 -3.16 15.09
N ALA D 97 21.71 -3.96 14.05
CA ALA D 97 20.78 -3.64 12.98
C ALA D 97 19.39 -3.46 13.55
N PHE D 98 18.84 -4.51 14.16
CA PHE D 98 17.59 -4.37 14.91
C PHE D 98 17.54 -3.07 15.72
N LEU D 99 18.54 -2.84 16.58
CA LEU D 99 18.50 -1.65 17.43
C LEU D 99 18.47 -0.36 16.62
N GLU D 100 19.14 -0.32 15.47
CA GLU D 100 19.12 0.90 14.67
C GLU D 100 17.76 1.08 14.01
N ILE D 101 17.19 0.00 13.51
CA ILE D 101 15.82 0.03 13.02
C ILE D 101 14.87 0.59 14.08
N LYS D 102 14.93 0.05 15.28
CA LYS D 102 14.10 0.57 16.36
C LYS D 102 14.35 2.05 16.59
N ARG D 103 15.62 2.46 16.57
CA ARG D 103 15.92 3.86 16.88
C ARG D 103 15.18 4.76 15.91
N THR D 104 15.28 4.44 14.62
CA THR D 104 14.77 5.33 13.61
C THR D 104 13.26 5.19 13.47
N TYR D 105 12.73 4.00 13.77
CA TYR D 105 11.28 3.81 13.84
C TYR D 105 10.67 4.72 14.88
N ASP D 106 11.19 4.71 16.10
CA ASP D 106 10.49 5.46 17.13
C ASP D 106 10.55 6.95 16.84
N ILE D 107 11.60 7.42 16.16
CA ILE D 107 11.67 8.85 15.86
C ILE D 107 10.67 9.20 14.78
N TYR D 108 10.57 8.36 13.77
CA TYR D 108 9.67 8.61 12.67
C TYR D 108 8.23 8.45 13.12
N HIS D 109 7.92 7.33 13.76
CA HIS D 109 6.62 7.13 14.35
C HIS D 109 6.22 8.35 15.18
N GLY D 110 7.12 8.79 16.05
CA GLY D 110 6.80 9.88 16.96
C GLY D 110 6.60 11.21 16.28
N ALA D 111 7.34 11.47 15.18
CA ALA D 111 7.10 12.69 14.43
C ALA D 111 5.71 12.66 13.79
N LEU D 112 5.28 11.51 13.29
CA LEU D 112 3.97 11.43 12.64
C LEU D 112 2.88 11.67 13.66
N ALA D 113 2.99 11.03 14.83
CA ALA D 113 2.03 11.31 15.87
C ALA D 113 1.95 12.81 16.14
N GLU D 114 3.08 13.50 16.03
CA GLU D 114 3.09 14.93 16.33
C GLU D 114 2.39 15.72 15.25
N LEU D 115 2.52 15.29 14.01
CA LEU D 115 1.81 15.94 12.93
C LEU D 115 0.29 15.92 13.16
N ILE D 116 -0.18 14.93 13.90
CA ILE D 116 -1.62 14.77 14.13
C ILE D 116 -2.11 15.83 15.11
N GLN D 117 -1.35 16.04 16.18
CA GLN D 117 -1.64 17.12 17.12
C GLN D 117 -1.52 18.48 16.47
N LEU D 118 -0.42 18.70 15.72
CA LEU D 118 -0.16 20.00 15.06
C LEU D 118 -1.30 20.42 14.16
N LEU D 119 -1.72 19.52 13.29
CA LEU D 119 -2.79 19.88 12.38
C LEU D 119 -4.10 20.04 13.13
N GLY D 120 -4.40 19.12 14.03
CA GLY D 120 -5.57 19.29 14.88
C GLY D 120 -5.62 20.66 15.54
N ALA D 121 -4.46 21.26 15.80
CA ALA D 121 -4.49 22.64 16.28
C ALA D 121 -4.42 23.67 15.18
N GLY D 122 -4.52 23.27 13.91
CA GLY D 122 -4.36 24.21 12.81
C GLY D 122 -3.01 24.88 12.71
N LYS D 123 -1.98 24.34 13.37
CA LYS D 123 -0.60 24.83 13.23
C LYS D 123 -0.02 24.41 11.90
N ILE D 124 -0.44 25.09 10.86
CA ILE D 124 -0.13 24.59 9.53
C ILE D 124 1.33 24.78 9.17
N ASN D 125 2.00 25.80 9.73
CA ASN D 125 3.37 26.09 9.35
C ASN D 125 4.33 25.15 10.03
N GLU D 126 4.22 25.10 11.35
CA GLU D 126 4.86 24.09 12.18
C GLU D 126 4.62 22.70 11.63
N PHE D 127 3.37 22.31 11.47
CA PHE D 127 3.09 21.11 10.70
C PHE D 127 3.94 21.01 9.43
N PHE D 128 3.88 22.01 8.54
CA PHE D 128 4.55 21.85 7.25
C PHE D 128 6.09 21.75 7.38
N ASP D 129 6.67 22.43 8.38
CA ASP D 129 8.13 22.57 8.55
C ASP D 129 8.77 21.42 9.31
N GLN D 130 8.00 20.59 9.97
CA GLN D 130 8.60 19.43 10.59
C GLN D 130 9.49 18.71 9.58
N PRO D 131 10.79 18.48 9.89
CA PRO D 131 11.64 17.79 8.92
C PRO D 131 11.31 16.30 8.87
N THR D 132 10.04 16.00 8.61
CA THR D 132 9.62 14.61 8.54
C THR D 132 10.44 13.83 7.53
N GLN D 133 10.91 14.48 6.49
CA GLN D 133 11.53 13.73 5.42
C GLN D 133 12.81 13.08 5.92
N SER D 134 13.48 13.69 6.89
CA SER D 134 14.75 13.17 7.35
C SER D 134 14.52 11.97 8.26
N TYR D 135 13.52 12.06 9.14
CA TYR D 135 13.14 10.90 9.94
C TYR D 135 12.86 9.70 9.04
N GLN D 136 12.06 9.90 8.02
CA GLN D 136 11.76 8.80 7.11
C GLN D 136 13.04 8.30 6.45
N ASP D 137 13.73 9.20 5.72
CA ASP D 137 15.04 8.90 5.14
C ASP D 137 15.90 8.05 6.07
N ALA D 138 15.97 8.42 7.34
CA ALA D 138 16.84 7.68 8.27
C ALA D 138 16.34 6.26 8.48
N PHE D 139 15.04 6.10 8.76
CA PHE D 139 14.50 4.77 8.93
C PHE D 139 14.67 3.94 7.66
N GLU D 140 14.48 4.56 6.49
CA GLU D 140 14.65 3.83 5.23
C GLU D 140 16.08 3.33 5.07
N LYS D 141 17.07 4.19 5.34
CA LYS D 141 18.46 3.74 5.34
C LYS D 141 18.61 2.45 6.16
N GLN D 142 18.14 2.46 7.42
CA GLN D 142 18.21 1.25 8.23
C GLN D 142 17.41 0.12 7.61
N TYR D 143 16.16 0.39 7.22
CA TYR D 143 15.36 -0.69 6.65
C TYR D 143 16.11 -1.37 5.53
N MET D 144 16.68 -0.57 4.62
CA MET D 144 17.35 -1.14 3.44
C MET D 144 18.59 -1.97 3.83
N ALA D 145 19.41 -1.47 4.76
CA ALA D 145 20.57 -2.22 5.23
C ALA D 145 20.13 -3.60 5.70
N TYR D 146 19.19 -3.64 6.66
CA TYR D 146 18.75 -4.90 7.25
C TYR D 146 18.31 -5.88 6.17
N MET D 147 17.71 -5.38 5.08
CA MET D 147 17.28 -6.32 4.05
C MET D 147 18.43 -6.87 3.24
N GLN D 148 19.51 -6.08 3.11
CA GLN D 148 20.77 -6.58 2.54
C GLN D 148 21.32 -7.71 3.38
N GLN D 149 21.51 -7.45 4.67
CA GLN D 149 22.00 -8.46 5.60
C GLN D 149 21.13 -9.72 5.58
N ASN D 150 19.82 -9.56 5.33
CA ASN D 150 18.94 -10.72 5.20
C ASN D 150 19.10 -11.39 3.85
N ASP D 151 19.08 -10.62 2.76
CA ASP D 151 19.26 -11.23 1.46
C ASP D 151 20.62 -11.93 1.35
N ARG D 152 21.60 -11.51 2.16
CA ARG D 152 22.86 -12.24 2.21
C ARG D 152 22.67 -13.59 2.88
N LEU D 153 21.97 -13.61 4.02
CA LEU D 153 21.75 -14.89 4.70
C LEU D 153 21.00 -15.87 3.80
N TYR D 154 19.96 -15.39 3.11
CA TYR D 154 19.31 -16.23 2.10
C TYR D 154 20.31 -16.65 1.04
N ASP D 155 21.20 -15.74 0.63
CA ASP D 155 22.31 -16.11 -0.25
C ASP D 155 23.06 -17.28 0.37
N ILE D 156 23.81 -17.00 1.45
CA ILE D 156 24.59 -17.99 2.20
C ILE D 156 23.81 -19.28 2.38
N ALA D 157 22.63 -19.20 3.00
CA ALA D 157 21.81 -20.40 3.15
C ALA D 157 20.78 -20.52 2.03
N VAL E 18 30.19 6.33 -25.36
CA VAL E 18 28.89 6.98 -25.34
C VAL E 18 28.17 6.66 -24.02
N LEU E 19 28.26 5.39 -23.61
CA LEU E 19 27.92 5.01 -22.25
C LEU E 19 29.03 5.34 -21.26
N GLN E 20 30.21 5.73 -21.75
CA GLN E 20 31.30 6.15 -20.88
C GLN E 20 31.19 7.60 -20.44
N THR E 21 30.39 8.41 -21.15
CA THR E 21 30.11 9.76 -20.68
C THR E 21 29.36 9.78 -19.35
N ILE E 22 28.84 8.64 -18.88
CA ILE E 22 28.27 8.57 -17.54
C ILE E 22 29.20 7.86 -16.57
N ARG E 23 29.96 6.86 -17.03
CA ARG E 23 31.01 6.30 -16.17
C ARG E 23 31.85 7.42 -15.57
N GLN E 24 32.12 8.46 -16.35
CA GLN E 24 33.00 9.55 -15.91
C GLN E 24 32.25 10.62 -15.15
N GLN E 25 31.01 10.89 -15.55
CA GLN E 25 30.16 11.74 -14.74
C GLN E 25 29.91 11.13 -13.37
N GLN E 26 29.61 9.82 -13.35
CA GLN E 26 29.43 9.13 -12.08
C GLN E 26 30.67 9.26 -11.21
N SER E 27 31.81 8.84 -11.72
CA SER E 27 33.03 8.84 -10.93
C SER E 27 33.35 10.23 -10.40
N ALA E 28 33.06 11.28 -11.18
CA ALA E 28 33.26 12.64 -10.65
C ALA E 28 32.31 12.96 -9.51
N LEU E 29 31.07 12.47 -9.56
CA LEU E 29 30.14 12.69 -8.45
C LEU E 29 30.60 11.89 -7.23
N ASN E 30 30.95 10.63 -7.44
CA ASN E 30 31.51 9.82 -6.36
C ASN E 30 32.66 10.52 -5.66
N ALA E 31 33.47 11.28 -6.40
CA ALA E 31 34.66 11.87 -5.81
C ALA E 31 34.28 12.94 -4.80
N THR E 32 33.24 13.68 -5.12
CA THR E 32 32.69 14.70 -4.22
C THR E 32 32.20 14.12 -2.91
N TRP E 33 31.69 12.89 -2.96
CA TRP E 33 31.00 12.25 -1.84
C TRP E 33 32.03 11.72 -0.86
N VAL E 34 33.00 11.00 -1.38
CA VAL E 34 34.13 10.58 -0.54
C VAL E 34 34.77 11.78 0.12
N GLU E 35 35.02 12.84 -0.65
CA GLU E 35 35.58 14.03 -0.06
C GLU E 35 34.66 14.63 0.99
N LEU E 36 33.34 14.48 0.83
CA LEU E 36 32.44 15.03 1.85
C LEU E 36 32.51 14.21 3.14
N LEU E 37 32.51 12.88 3.01
CA LEU E 37 32.63 12.02 4.18
C LEU E 37 33.94 12.24 4.93
N GLN E 38 35.07 12.27 4.18
CA GLN E 38 36.36 12.48 4.83
C GLN E 38 36.41 13.80 5.59
N THR E 39 35.85 14.86 5.02
CA THR E 39 35.78 16.13 5.72
C THR E 39 35.02 16.00 7.04
N ARG E 40 33.87 15.33 7.03
CA ARG E 40 33.13 15.15 8.29
C ARG E 40 33.97 14.37 9.30
N ASN E 41 34.59 13.28 8.88
CA ASN E 41 35.41 12.54 9.83
C ASN E 41 36.49 13.44 10.42
N THR E 42 37.12 14.24 9.57
CA THR E 42 38.19 15.10 10.02
C THR E 42 37.69 16.15 10.98
N LEU E 43 36.47 16.66 10.77
CA LEU E 43 35.93 17.61 11.72
C LEU E 43 35.61 16.94 13.04
N ASN E 44 35.24 15.67 13.01
CA ASN E 44 34.86 15.01 14.25
C ASN E 44 36.09 14.59 15.02
N ARG E 45 37.13 14.17 14.31
CA ARG E 45 38.46 14.16 14.91
C ARG E 45 38.78 15.46 15.61
N ALA E 46 38.72 16.58 14.89
CA ALA E 46 39.06 17.87 15.50
C ALA E 46 38.25 18.10 16.77
N GLY E 47 37.01 17.63 16.81
CA GLY E 47 36.17 17.90 17.96
C GLY E 47 36.65 17.19 19.21
N ILE E 48 37.07 15.92 19.05
CA ILE E 48 37.63 15.17 20.17
C ILE E 48 38.87 15.86 20.72
N ARG E 49 39.67 16.46 19.83
CA ARG E 49 40.89 17.12 20.26
C ARG E 49 40.60 18.39 21.04
N TRP E 50 39.77 19.26 20.47
CA TRP E 50 39.24 20.40 21.22
C TRP E 50 38.75 19.96 22.61
N MET E 51 37.91 18.93 22.67
CA MET E 51 37.47 18.42 23.97
C MET E 51 38.65 18.01 24.81
N MET E 52 39.62 17.33 24.21
CA MET E 52 40.81 16.93 24.96
C MET E 52 41.65 18.14 25.34
N ASP E 53 41.83 19.09 24.43
CA ASP E 53 42.57 20.32 24.77
C ASP E 53 41.95 21.00 25.97
N GLN E 54 40.63 20.99 26.09
CA GLN E 54 39.96 21.67 27.19
C GLN E 54 40.38 21.09 28.53
N SER E 55 40.53 19.79 28.59
CA SER E 55 40.97 19.11 29.80
C SER E 55 42.47 18.77 29.78
N ASN E 56 43.22 19.35 28.83
CA ASN E 56 44.69 19.30 28.79
C ASN E 56 45.24 17.89 28.65
N ILE E 57 44.43 16.93 28.21
CA ILE E 57 44.89 15.59 27.95
C ILE E 57 45.19 15.36 26.47
N GLY E 58 45.42 16.45 25.72
CA GLY E 58 45.59 16.32 24.30
C GLY E 58 46.74 15.39 23.92
N SER E 59 46.49 14.54 22.92
CA SER E 59 47.49 13.72 22.26
C SER E 59 47.21 13.78 20.75
N GLY E 60 48.07 13.16 19.96
CA GLY E 60 47.76 12.93 18.54
C GLY E 60 47.84 14.20 17.70
N ALA E 61 46.93 14.30 16.74
CA ALA E 61 46.84 15.47 15.85
C ALA E 61 46.23 16.67 16.56
N THR E 62 46.71 17.86 16.24
CA THR E 62 46.17 19.05 16.88
C THR E 62 44.95 19.58 16.13
N VAL E 63 44.08 20.24 16.88
CA VAL E 63 42.93 20.92 16.31
C VAL E 63 43.38 21.74 15.10
N ALA E 64 44.47 22.48 15.26
CA ALA E 64 44.98 23.29 14.17
C ALA E 64 45.25 22.46 12.91
N GLU E 65 45.89 21.30 13.06
CA GLU E 65 46.22 20.51 11.86
C GLU E 65 44.98 19.84 11.28
N LEU E 66 44.11 19.35 12.16
CA LEU E 66 42.86 18.76 11.69
C LEU E 66 41.98 19.78 11.00
N MET E 67 41.96 21.02 11.52
CA MET E 67 41.08 22.05 10.96
C MET E 67 41.54 22.49 9.58
N GLN E 68 42.85 22.50 9.33
CA GLN E 68 43.34 22.87 8.01
C GLN E 68 43.15 21.72 7.02
N GLY E 69 43.30 20.47 7.47
CA GLY E 69 42.89 19.33 6.68
C GLY E 69 41.43 19.47 6.22
N ALA E 70 40.50 19.57 7.17
CA ALA E 70 39.09 19.73 6.82
C ALA E 70 38.87 20.94 5.92
N THR E 71 39.51 22.06 6.21
CA THR E 71 39.39 23.20 5.32
C THR E 71 39.84 22.83 3.90
N ASN E 72 40.94 22.07 3.79
CA ASN E 72 41.46 21.74 2.47
C ASN E 72 40.54 20.78 1.74
N THR E 73 39.99 19.78 2.44
CA THR E 73 39.19 18.76 1.76
C THR E 73 37.78 19.25 1.43
N LEU E 74 37.27 20.24 2.17
CA LEU E 74 36.04 20.91 1.75
C LEU E 74 36.25 21.62 0.42
N LYS E 75 37.33 22.41 0.30
CA LYS E 75 37.60 23.05 -0.99
C LYS E 75 37.75 22.01 -2.07
N LEU E 76 38.34 20.86 -1.74
CA LEU E 76 38.51 19.80 -2.75
C LEU E 76 37.15 19.26 -3.18
N THR E 77 36.24 19.08 -2.22
CA THR E 77 34.85 18.76 -2.50
C THR E 77 34.28 19.72 -3.53
N GLU E 78 34.32 21.03 -3.20
CA GLU E 78 33.90 22.07 -4.14
C GLU E 78 34.45 21.80 -5.53
N LYS E 79 35.77 21.55 -5.64
CA LYS E 79 36.40 21.35 -6.94
C LYS E 79 35.85 20.10 -7.64
N ASN E 80 35.62 19.02 -6.89
CA ASN E 80 35.04 17.84 -7.52
C ASN E 80 33.59 18.09 -7.92
N TRP E 81 32.87 18.89 -7.12
CA TRP E 81 31.50 19.24 -7.50
C TRP E 81 31.49 19.98 -8.84
N GLU E 82 32.23 21.09 -8.92
CA GLU E 82 32.35 21.87 -10.15
C GLU E 82 32.71 20.99 -11.34
N GLN E 83 33.72 20.13 -11.17
CA GLN E 83 34.11 19.22 -12.23
C GLN E 83 32.96 18.30 -12.61
N TYR E 84 32.31 17.66 -11.60
CA TYR E 84 31.15 16.81 -11.87
C TYR E 84 30.06 17.59 -12.60
N GLU E 85 29.76 18.79 -12.11
CA GLU E 85 28.68 19.59 -12.63
C GLU E 85 28.97 20.06 -14.04
N ALA E 86 30.22 20.02 -14.49
CA ALA E 86 30.56 20.55 -15.80
C ALA E 86 30.66 19.49 -16.88
N LEU E 87 30.54 18.21 -16.55
CA LEU E 87 30.67 17.18 -17.57
C LEU E 87 29.37 17.02 -18.36
N PRO E 88 29.47 16.54 -19.60
CA PRO E 88 28.27 16.36 -20.44
C PRO E 88 27.26 15.44 -19.78
N ARG E 89 25.98 15.71 -20.06
CA ARG E 89 24.85 14.98 -19.48
C ARG E 89 23.97 14.38 -20.57
N ASP E 90 24.03 13.06 -20.73
CA ASP E 90 23.10 12.36 -21.61
C ASP E 90 21.65 12.83 -21.37
N PRO E 91 20.92 13.22 -22.41
CA PRO E 91 19.54 13.67 -22.16
C PRO E 91 18.65 12.56 -21.62
N ARG E 92 19.00 11.29 -21.86
CA ARG E 92 18.29 10.15 -21.27
C ARG E 92 18.47 10.05 -19.75
N GLN E 93 19.16 10.99 -19.11
CA GLN E 93 19.24 11.09 -17.65
C GLN E 93 18.21 12.10 -17.15
N SER E 94 17.88 11.99 -15.87
CA SER E 94 16.76 12.73 -15.29
C SER E 94 17.22 14.11 -14.85
N GLU E 95 16.80 15.15 -15.59
CA GLU E 95 17.13 16.50 -15.18
C GLU E 95 16.62 16.78 -13.77
N ALA E 96 15.54 16.10 -13.37
CA ALA E 96 15.05 16.26 -12.00
C ALA E 96 15.96 15.57 -11.01
N ALA E 97 16.51 14.42 -11.41
CA ALA E 97 17.50 13.77 -10.58
C ALA E 97 18.66 14.73 -10.28
N PHE E 98 19.11 15.47 -11.29
CA PHE E 98 20.27 16.33 -11.09
C PHE E 98 19.95 17.41 -10.07
N LEU E 99 18.79 18.04 -10.19
CA LEU E 99 18.47 19.12 -9.27
C LEU E 99 18.31 18.61 -7.85
N GLU E 100 17.86 17.37 -7.68
CA GLU E 100 17.79 16.81 -6.34
C GLU E 100 19.20 16.57 -5.81
N ILE E 101 20.06 16.05 -6.67
CA ILE E 101 21.46 15.87 -6.31
C ILE E 101 22.03 17.20 -5.85
N LYS E 102 21.82 18.24 -6.67
CA LYS E 102 22.34 19.55 -6.34
C LYS E 102 21.74 20.05 -5.05
N ARG E 103 20.40 20.01 -4.96
CA ARG E 103 19.73 20.48 -3.75
C ARG E 103 20.31 19.82 -2.50
N THR E 104 20.40 18.48 -2.49
CA THR E 104 20.89 17.83 -1.28
C THR E 104 22.39 18.11 -1.05
N TYR E 105 23.19 18.16 -2.12
CA TYR E 105 24.60 18.56 -1.99
C TYR E 105 24.75 19.91 -1.28
N ASP E 106 24.05 20.93 -1.76
CA ASP E 106 24.30 22.27 -1.22
C ASP E 106 24.05 22.32 0.28
N ILE E 107 23.01 21.62 0.77
CA ILE E 107 22.75 21.65 2.20
C ILE E 107 23.84 20.90 2.97
N TYR E 108 24.26 19.75 2.46
CA TYR E 108 25.30 18.99 3.16
C TYR E 108 26.60 19.78 3.18
N HIS E 109 27.02 20.27 2.03
CA HIS E 109 28.29 20.98 1.97
C HIS E 109 28.27 22.21 2.87
N GLY E 110 27.21 23.03 2.76
CA GLY E 110 27.08 24.17 3.64
C GLY E 110 27.03 23.78 5.10
N ALA E 111 26.42 22.63 5.41
CA ALA E 111 26.44 22.18 6.81
C ALA E 111 27.88 21.96 7.28
N LEU E 112 28.70 21.29 6.48
CA LEU E 112 30.10 21.07 6.91
C LEU E 112 30.83 22.39 7.03
N ALA E 113 30.64 23.28 6.05
CA ALA E 113 31.21 24.63 6.11
C ALA E 113 30.83 25.30 7.40
N GLU E 114 29.61 25.05 7.89
CA GLU E 114 29.16 25.66 9.13
C GLU E 114 29.86 25.03 10.33
N LEU E 115 30.00 23.70 10.34
CA LEU E 115 30.69 23.01 11.43
C LEU E 115 32.07 23.61 11.68
N ILE E 116 32.66 24.22 10.66
CA ILE E 116 34.03 24.72 10.73
C ILE E 116 34.07 26.00 11.56
N GLN E 117 33.07 26.84 11.38
CA GLN E 117 33.01 28.07 12.18
C GLN E 117 32.59 27.78 13.60
N LEU E 118 31.79 26.74 13.82
CA LEU E 118 31.39 26.43 15.19
C LEU E 118 32.58 25.95 16.02
N LEU E 119 33.41 25.09 15.44
CA LEU E 119 34.61 24.64 16.14
C LEU E 119 35.67 25.73 16.15
N GLY E 120 35.71 26.56 15.12
CA GLY E 120 36.55 27.75 15.17
C GLY E 120 36.09 28.80 16.15
N ALA E 121 34.89 28.65 16.70
CA ALA E 121 34.43 29.49 17.78
C ALA E 121 34.28 28.73 19.08
N GLY E 122 34.66 27.45 19.12
CA GLY E 122 34.53 26.70 20.35
C GLY E 122 33.11 26.34 20.74
N LYS E 123 32.17 26.30 19.78
CA LYS E 123 30.76 26.00 20.08
C LYS E 123 30.54 24.50 19.98
N ILE E 124 30.91 23.80 21.05
CA ILE E 124 31.02 22.35 20.96
C ILE E 124 29.64 21.71 20.85
N ASN E 125 28.69 22.12 21.70
CA ASN E 125 27.38 21.48 21.66
C ASN E 125 26.60 21.88 20.41
N GLU E 126 26.59 23.16 20.05
CA GLU E 126 26.06 23.51 18.74
C GLU E 126 26.71 22.65 17.66
N PHE E 127 28.04 22.67 17.59
CA PHE E 127 28.77 21.83 16.64
C PHE E 127 28.28 20.37 16.68
N PHE E 128 28.19 19.78 17.88
CA PHE E 128 27.84 18.37 17.94
C PHE E 128 26.36 18.12 17.67
N ASP E 129 25.49 19.11 17.93
CA ASP E 129 24.04 18.94 17.77
C ASP E 129 23.58 19.14 16.35
N GLN E 130 24.40 19.73 15.49
CA GLN E 130 24.06 19.88 14.09
C GLN E 130 23.57 18.54 13.53
N PRO E 131 22.36 18.47 12.94
CA PRO E 131 21.88 17.24 12.32
C PRO E 131 22.51 16.97 10.96
N THR E 132 23.84 17.10 10.90
CA THR E 132 24.65 16.67 9.76
C THR E 132 24.24 15.32 9.19
N GLN E 133 23.92 14.37 10.07
CA GLN E 133 23.60 13.03 9.60
C GLN E 133 22.45 13.03 8.61
N SER E 134 21.51 13.97 8.75
CA SER E 134 20.31 13.96 7.92
C SER E 134 20.57 14.60 6.56
N TYR E 135 21.39 15.66 6.54
CA TYR E 135 21.86 16.18 5.26
C TYR E 135 22.62 15.12 4.49
N GLN E 136 23.46 14.36 5.16
CA GLN E 136 24.21 13.33 4.48
C GLN E 136 23.29 12.23 3.95
N ASP E 137 22.39 11.72 4.80
CA ASP E 137 21.41 10.72 4.37
C ASP E 137 20.65 11.23 3.16
N ALA E 138 20.25 12.49 3.22
CA ALA E 138 19.48 13.10 2.15
C ALA E 138 20.28 13.14 0.85
N PHE E 139 21.58 13.46 0.95
CA PHE E 139 22.41 13.43 -0.25
C PHE E 139 22.66 12.02 -0.71
N GLU E 140 22.97 11.12 0.22
CA GLU E 140 23.23 9.73 -0.16
C GLU E 140 22.01 9.08 -0.81
N LYS E 141 20.81 9.41 -0.34
CA LYS E 141 19.62 8.86 -0.97
C LYS E 141 19.51 9.29 -2.43
N GLN E 142 19.67 10.60 -2.69
CA GLN E 142 19.69 11.07 -4.08
C GLN E 142 20.82 10.43 -4.88
N TYR E 143 22.02 10.33 -4.27
CA TYR E 143 23.13 9.71 -4.99
C TYR E 143 22.78 8.29 -5.43
N MET E 144 22.33 7.45 -4.48
CA MET E 144 22.09 6.03 -4.81
C MET E 144 21.03 5.90 -5.91
N ALA E 145 19.96 6.70 -5.85
CA ALA E 145 18.96 6.69 -6.91
C ALA E 145 19.58 6.98 -8.27
N TYR E 146 20.44 8.01 -8.31
CA TYR E 146 21.08 8.43 -9.55
C TYR E 146 21.86 7.29 -10.17
N MET E 147 22.48 6.46 -9.36
CA MET E 147 23.29 5.38 -9.90
C MET E 147 22.43 4.23 -10.39
N GLN E 148 21.29 4.01 -9.74
CA GLN E 148 20.28 3.09 -10.26
C GLN E 148 19.81 3.53 -11.65
N GLN E 149 19.46 4.80 -11.80
CA GLN E 149 19.05 5.29 -13.11
C GLN E 149 20.18 5.26 -14.16
N ASN E 150 21.45 5.23 -13.73
CA ASN E 150 22.59 5.05 -14.63
C ASN E 150 22.90 3.58 -14.87
N ASP E 151 22.93 2.80 -13.77
CA ASP E 151 23.17 1.38 -13.87
C ASP E 151 22.11 0.68 -14.73
N ARG E 152 21.00 1.35 -15.03
CA ARG E 152 20.00 0.78 -15.92
C ARG E 152 20.25 1.15 -17.36
N LEU E 153 20.79 2.32 -17.60
CA LEU E 153 21.11 2.77 -18.93
C LEU E 153 22.34 2.03 -19.38
N TYR E 154 22.86 1.19 -18.52
CA TYR E 154 23.95 0.35 -18.89
C TYR E 154 23.33 -0.97 -19.21
N ASP E 155 22.51 -1.46 -18.30
CA ASP E 155 21.81 -2.70 -18.54
C ASP E 155 21.13 -2.58 -19.91
N ILE E 156 20.40 -1.49 -20.16
CA ILE E 156 19.85 -1.26 -21.50
C ILE E 156 20.94 -0.73 -22.39
#